data_7Q25
#
_entry.id   7Q25
#
_cell.length_a   72.935
_cell.length_b   77.482
_cell.length_c   82.489
_cell.angle_alpha   88.390
_cell.angle_beta   64.244
_cell.angle_gamma   74.992
#
_symmetry.space_group_name_H-M   'P 1'
#
loop_
_entity.id
_entity.type
_entity.pdbx_description
1 polymer 'Angiotensin-converting enzyme'
2 branched beta-D-mannopyranose-(1-4)-2-acetamido-2-deoxy-beta-D-glucopyranose-(1-4)-[alpha-L-fucopyranose-(1-6)]2-acetamido-2-deoxy-beta-D-glucopyranose
3 branched alpha-L-fucopyranose-(1-6)-2-acetamido-2-deoxy-beta-D-glucopyranose
4 non-polymer '(2~{S})-2-[[(2~{S})-1-[[(2~{S})-3-(4-hydroxyphenyl)-1-oxidanyl-1-oxidanylidene-propan-2-yl]amino]-1-oxidanylidene-hexan-2-yl]amino]-4-phenyl-butanoic acid'
5 non-polymer 2-acetamido-2-deoxy-beta-D-glucopyranose
6 non-polymer 'ACETATE ION'
7 non-polymer 'PENTAETHYLENE GLYCOL'
8 non-polymer 1,2-ETHANEDIOL
9 non-polymer DI(HYDROXYETHYL)ETHER
10 non-polymer 3,6,9,12,15,18-HEXAOXAICOSANE-1,20-DIOL
11 non-polymer 'ZINC ION'
12 non-polymer 'CHLORIDE ION'
13 non-polymer 'MAGNESIUM ION'
14 non-polymer 'TETRAETHYLENE GLYCOL'
15 water water
#
_entity_poly.entity_id   1
_entity_poly.type   'polypeptide(L)'
_entity_poly.pdbx_seq_one_letter_code
;LDPGLQPGQFSADEAGAQLFAQSYQSSAEQVLFQSVAASWAHDTNITAENARRQEEAALLSQEFAEAWGQKAKELYEPIW
QQFTDPQLRRIIGAVRTLGSANLPLAKRQQYNALLSQMSRIYSTAKVCLPQKTATCWSLDPDLTNILASSRSYAMLLFAW
EGWHNAAGIPLKPLYEDFTALSNEAYKQDGFTDTGAYWRSWYNSPTFEDDLEHLYQQLEPLYLNLHAFVRRALHRRYGDR
YINLRGPIPAHLLGDMWAQSWENIYDMVVPFPDKPNLDVTSTMLQQGWQATHMFRVAEEFFTSLELSPMPPEFWEGSMLE
KPADGREVVCHASAWDFYNRKDFRIKQCTRVTMDQLSTVHHEMGHIQYYLQYKDLPVSLRRGANPGFHEAIGDVLALSVS
TPEHLHKIGLLDRVTNDTESDINYLLKMALEKIAFLPFGYLVDQWRWGVFSGRTPPSRYNFDWWYLRTKYQGICPPVTRN
ETHFDAGAKFHVPNVTPYIRYFVSFVLQFQFHEALCKEAGYEGPLHQCDIYRSTKAGAKLRKVLRAGSSRPWQEVLKDMV
GLDALDAQPLLKYFQLVTQWLQEQNQQNGEVLGWPEYQWHPPLPDNYPEGIDLVTDEAEASKFVEEYDL
;
_entity_poly.pdbx_strand_id   A,B
#
# COMPACT_ATOMS: atom_id res chain seq x y z
N LEU A 1 6.65 -43.05 -10.77
CA LEU A 1 7.45 -43.07 -9.50
C LEU A 1 7.94 -44.49 -9.25
N ASP A 2 9.23 -44.62 -8.98
CA ASP A 2 9.82 -45.94 -8.79
C ASP A 2 9.07 -46.69 -7.69
N PRO A 3 8.80 -47.98 -7.86
CA PRO A 3 8.07 -48.70 -6.81
C PRO A 3 8.66 -48.54 -5.43
N GLY A 4 9.99 -48.59 -5.30
CA GLY A 4 10.62 -48.45 -4.01
C GLY A 4 10.41 -47.11 -3.38
N LEU A 5 10.00 -46.11 -4.18
CA LEU A 5 9.79 -44.77 -3.68
C LEU A 5 8.31 -44.48 -3.39
N GLN A 6 7.42 -45.42 -3.70
CA GLN A 6 6.00 -45.20 -3.57
C GLN A 6 5.52 -45.54 -2.17
N PRO A 7 4.53 -44.81 -1.66
CA PRO A 7 3.99 -45.10 -0.33
C PRO A 7 3.23 -46.42 -0.29
N GLY A 8 3.52 -47.22 0.73
CA GLY A 8 2.75 -48.42 1.00
C GLY A 8 1.52 -48.08 1.80
N GLN A 9 1.09 -49.02 2.61
N GLN A 9 1.07 -49.03 2.60
CA GLN A 9 -0.11 -48.83 3.43
CA GLN A 9 -0.11 -48.86 3.43
C GLN A 9 0.28 -48.73 4.89
C GLN A 9 0.30 -48.71 4.88
N PHE A 10 -0.44 -47.88 5.61
CA PHE A 10 -0.22 -47.62 7.02
C PHE A 10 -1.59 -47.44 7.66
N SER A 11 -1.65 -47.68 8.96
CA SER A 11 -2.91 -47.48 9.66
C SER A 11 -3.28 -46.01 9.70
N ALA A 12 -4.57 -45.75 9.90
CA ALA A 12 -5.07 -44.38 9.96
C ALA A 12 -5.11 -43.90 11.42
N ASP A 13 -3.92 -43.78 12.00
CA ASP A 13 -3.76 -43.40 13.39
C ASP A 13 -2.34 -42.93 13.57
N GLU A 14 -2.00 -42.53 14.82
CA GLU A 14 -0.69 -41.94 15.04
C GLU A 14 0.42 -42.97 14.85
N ALA A 15 0.19 -44.22 15.30
CA ALA A 15 1.24 -45.22 15.21
C ALA A 15 1.53 -45.57 13.75
N GLY A 16 0.53 -45.47 12.88
CA GLY A 16 0.78 -45.62 11.45
C GLY A 16 1.47 -44.40 10.85
N ALA A 17 1.13 -43.21 11.33
CA ALA A 17 1.85 -42.01 10.89
C ALA A 17 3.34 -42.11 11.20
N GLN A 18 3.70 -42.70 12.35
CA GLN A 18 5.11 -42.80 12.69
C GLN A 18 5.85 -43.70 11.72
N LEU A 19 5.31 -44.89 11.45
CA LEU A 19 5.90 -45.74 10.43
C LEU A 19 5.85 -45.06 9.07
N PHE A 20 4.81 -44.29 8.81
CA PHE A 20 4.71 -43.55 7.54
C PHE A 20 5.86 -42.54 7.38
N ALA A 21 6.21 -41.86 8.46
CA ALA A 21 7.27 -40.85 8.39
C ALA A 21 8.63 -41.52 8.22
N GLN A 22 8.82 -42.71 8.78
CA GLN A 22 10.11 -43.39 8.62
C GLN A 22 10.29 -43.91 7.20
N SER A 23 9.23 -44.49 6.62
CA SER A 23 9.30 -44.92 5.24
C SER A 23 9.46 -43.72 4.32
N TYR A 24 8.77 -42.61 4.64
CA TYR A 24 8.96 -41.38 3.88
C TYR A 24 10.41 -40.92 3.89
N GLN A 25 11.02 -40.87 5.09
CA GLN A 25 12.39 -40.37 5.20
C GLN A 25 13.33 -41.18 4.32
N SER A 26 13.16 -42.50 4.29
CA SER A 26 14.03 -43.35 3.50
C SER A 26 14.04 -42.92 2.05
N SER A 27 12.85 -42.83 1.44
CA SER A 27 12.79 -42.49 0.03
C SER A 27 12.99 -41.00 -0.21
N ALA A 28 12.54 -40.15 0.72
CA ALA A 28 12.72 -38.72 0.54
C ALA A 28 14.19 -38.33 0.38
N GLU A 29 15.09 -38.94 1.18
CA GLU A 29 16.49 -38.56 1.06
C GLU A 29 17.01 -38.85 -0.35
N GLN A 30 16.57 -39.96 -0.95
CA GLN A 30 17.00 -40.28 -2.30
C GLN A 30 16.41 -39.30 -3.31
N VAL A 31 15.15 -38.94 -3.13
CA VAL A 31 14.51 -38.01 -4.07
C VAL A 31 15.11 -36.63 -3.92
N LEU A 32 15.38 -36.22 -2.70
CA LEU A 32 16.00 -34.91 -2.47
C LEU A 32 17.42 -34.87 -3.04
N PHE A 33 18.21 -35.92 -2.80
CA PHE A 33 19.57 -35.91 -3.31
C PHE A 33 19.62 -35.76 -4.83
N GLN A 34 18.80 -36.56 -5.56
CA GLN A 34 18.85 -36.45 -7.02
C GLN A 34 18.44 -35.06 -7.48
N SER A 35 17.51 -34.43 -6.77
CA SER A 35 17.08 -33.08 -7.11
C SER A 35 18.17 -32.07 -6.79
N VAL A 36 18.75 -32.16 -5.61
CA VAL A 36 19.81 -31.22 -5.26
C VAL A 36 21.01 -31.42 -6.19
N ALA A 37 21.34 -32.68 -6.51
CA ALA A 37 22.50 -32.95 -7.36
C ALA A 37 22.27 -32.39 -8.76
N ALA A 38 21.05 -32.55 -9.30
CA ALA A 38 20.72 -31.99 -10.59
C ALA A 38 20.80 -30.48 -10.58
N SER A 39 20.33 -29.85 -9.50
CA SER A 39 20.46 -28.40 -9.42
C SER A 39 21.92 -27.97 -9.33
N TRP A 40 22.74 -28.73 -8.58
CA TRP A 40 24.15 -28.42 -8.47
C TRP A 40 24.84 -28.52 -9.83
N ALA A 41 24.54 -29.59 -10.57
CA ALA A 41 25.15 -29.77 -11.88
C ALA A 41 24.80 -28.62 -12.81
N HIS A 42 23.57 -28.11 -12.70
CA HIS A 42 23.17 -26.97 -13.52
C HIS A 42 23.80 -25.68 -13.02
N ASP A 43 23.74 -25.42 -11.70
CA ASP A 43 24.16 -24.12 -11.20
C ASP A 43 25.67 -23.93 -11.25
N THR A 44 26.43 -25.02 -11.29
CA THR A 44 27.87 -24.94 -11.48
C THR A 44 28.27 -25.13 -12.94
N ASN A 45 27.30 -25.18 -13.85
CA ASN A 45 27.61 -25.49 -15.24
C ASN A 45 26.34 -25.29 -16.07
N ILE A 46 25.94 -24.03 -16.27
CA ILE A 46 24.67 -23.71 -16.88
C ILE A 46 24.74 -24.14 -18.34
N THR A 47 24.00 -25.20 -18.68
CA THR A 47 23.84 -25.63 -20.07
C THR A 47 22.41 -26.08 -20.28
N ALA A 48 22.01 -26.13 -21.56
CA ALA A 48 20.65 -26.56 -21.88
C ALA A 48 20.40 -27.99 -21.40
N GLU A 49 21.37 -28.87 -21.61
CA GLU A 49 21.20 -30.26 -21.17
C GLU A 49 21.09 -30.35 -19.66
N ASN A 50 21.89 -29.56 -18.92
CA ASN A 50 21.78 -29.63 -17.47
C ASN A 50 20.45 -29.06 -16.99
N ALA A 51 19.91 -28.05 -17.66
CA ALA A 51 18.60 -27.56 -17.27
C ALA A 51 17.53 -28.62 -17.53
N ARG A 52 17.65 -29.34 -18.65
CA ARG A 52 16.70 -30.41 -18.93
C ARG A 52 16.72 -31.45 -17.82
N ARG A 53 17.91 -31.85 -17.39
CA ARG A 53 18.00 -32.85 -16.32
C ARG A 53 17.44 -32.33 -15.01
N GLN A 54 17.65 -31.04 -14.70
CA GLN A 54 17.12 -30.48 -13.47
C GLN A 54 15.59 -30.44 -13.52
N GLU A 55 15.01 -30.14 -14.68
CA GLU A 55 13.56 -30.11 -14.77
C GLU A 55 12.96 -31.49 -14.59
N GLU A 56 13.64 -32.52 -15.13
CA GLU A 56 13.19 -33.89 -14.93
C GLU A 56 13.28 -34.29 -13.47
N ALA A 57 14.38 -33.89 -12.79
CA ALA A 57 14.47 -34.19 -11.37
C ALA A 57 13.38 -33.47 -10.59
N ALA A 58 13.09 -32.24 -10.95
CA ALA A 58 12.03 -31.50 -10.26
C ALA A 58 10.68 -32.21 -10.44
N LEU A 59 10.40 -32.71 -11.66
CA LEU A 59 9.16 -33.45 -11.90
C LEU A 59 9.09 -34.70 -11.06
N LEU A 60 10.22 -35.42 -10.92
CA LEU A 60 10.23 -36.58 -10.04
C LEU A 60 9.93 -36.19 -8.61
N SER A 61 10.49 -35.07 -8.13
CA SER A 61 10.18 -34.61 -6.78
C SER A 61 8.70 -34.32 -6.61
N GLN A 62 8.06 -33.70 -7.62
CA GLN A 62 6.63 -33.43 -7.52
C GLN A 62 5.82 -34.71 -7.53
N GLU A 63 6.24 -35.69 -8.29
CA GLU A 63 5.58 -36.98 -8.32
C GLU A 63 5.63 -37.64 -6.95
N PHE A 64 6.80 -37.60 -6.32
CA PHE A 64 6.97 -38.11 -4.98
C PHE A 64 6.11 -37.36 -3.98
N ALA A 65 6.16 -36.03 -4.02
CA ALA A 65 5.37 -35.21 -3.11
C ALA A 65 3.89 -35.46 -3.24
N GLU A 66 3.38 -35.60 -4.49
CA GLU A 66 1.97 -35.90 -4.65
C GLU A 66 1.60 -37.25 -4.09
N ALA A 67 2.39 -38.28 -4.37
CA ALA A 67 2.05 -39.61 -3.89
C ALA A 67 1.98 -39.64 -2.36
N TRP A 68 3.00 -39.08 -1.72
CA TRP A 68 3.06 -39.15 -0.26
C TRP A 68 2.17 -38.10 0.37
N GLY A 69 2.01 -36.95 -0.29
CA GLY A 69 1.07 -35.95 0.19
C GLY A 69 -0.36 -36.44 0.18
N GLN A 70 -0.78 -37.10 -0.92
CA GLN A 70 -2.15 -37.56 -1.00
C GLN A 70 -2.40 -38.76 -0.12
N LYS A 71 -1.37 -39.57 0.14
CA LYS A 71 -1.51 -40.66 1.09
C LYS A 71 -1.65 -40.10 2.50
N ALA A 72 -0.85 -39.10 2.84
CA ALA A 72 -0.96 -38.47 4.15
C ALA A 72 -2.35 -37.90 4.37
N LYS A 73 -2.93 -37.26 3.34
CA LYS A 73 -4.27 -36.72 3.44
C LYS A 73 -5.34 -37.78 3.32
N GLU A 74 -5.02 -38.94 2.76
CA GLU A 74 -5.99 -40.02 2.74
C GLU A 74 -6.15 -40.64 4.12
N LEU A 75 -5.04 -40.80 4.86
CA LEU A 75 -5.04 -41.52 6.12
C LEU A 75 -5.17 -40.61 7.34
N TYR A 76 -4.54 -39.44 7.31
CA TYR A 76 -4.29 -38.67 8.52
C TYR A 76 -4.88 -37.26 8.49
N GLU A 77 -5.69 -36.93 7.49
CA GLU A 77 -6.20 -35.57 7.39
C GLU A 77 -6.94 -35.12 8.65
N PRO A 78 -7.78 -35.95 9.28
CA PRO A 78 -8.49 -35.50 10.48
C PRO A 78 -7.78 -35.72 11.81
N ILE A 79 -6.68 -36.47 11.83
CA ILE A 79 -6.07 -36.92 13.08
C ILE A 79 -4.67 -36.38 13.28
N TRP A 80 -4.04 -35.79 12.27
CA TRP A 80 -2.64 -35.42 12.42
C TRP A 80 -2.45 -34.24 13.37
N GLN A 81 -3.46 -33.35 13.44
CA GLN A 81 -3.30 -32.17 14.27
C GLN A 81 -3.35 -32.48 15.76
N GLN A 82 -3.77 -33.69 16.14
CA GLN A 82 -3.91 -34.09 17.53
C GLN A 82 -2.90 -35.13 17.96
N PHE A 83 -1.95 -35.49 17.09
CA PHE A 83 -0.93 -36.46 17.47
C PHE A 83 -0.24 -36.05 18.77
N THR A 84 0.09 -37.04 19.59
CA THR A 84 0.82 -36.74 20.82
C THR A 84 2.27 -36.32 20.52
N ASP A 85 2.82 -36.80 19.40
CA ASP A 85 4.23 -36.57 19.09
C ASP A 85 4.31 -35.23 18.39
N PRO A 86 4.82 -34.18 19.04
CA PRO A 86 4.85 -32.87 18.36
C PRO A 86 5.68 -32.88 17.10
N GLN A 87 6.79 -33.62 17.09
CA GLN A 87 7.63 -33.64 15.90
C GLN A 87 6.95 -34.38 14.76
N LEU A 88 6.15 -35.41 15.09
CA LEU A 88 5.40 -36.11 14.06
C LEU A 88 4.33 -35.20 13.46
N ARG A 89 3.65 -34.40 14.29
CA ARG A 89 2.74 -33.41 13.71
C ARG A 89 3.49 -32.54 12.69
N ARG A 90 4.68 -32.08 13.06
CA ARG A 90 5.42 -31.18 12.15
C ARG A 90 5.82 -31.91 10.87
N ILE A 91 6.18 -33.19 10.98
CA ILE A 91 6.54 -33.95 9.78
C ILE A 91 5.32 -34.13 8.89
N ILE A 92 4.22 -34.57 9.48
CA ILE A 92 3.01 -34.82 8.69
C ILE A 92 2.52 -33.53 8.08
N GLY A 93 2.50 -32.47 8.86
CA GLY A 93 2.05 -31.18 8.33
C GLY A 93 2.85 -30.76 7.11
N ALA A 94 4.16 -31.04 7.11
CA ALA A 94 4.99 -30.73 5.94
C ALA A 94 4.63 -31.62 4.76
N VAL A 95 4.54 -32.94 4.98
CA VAL A 95 4.32 -33.87 3.88
C VAL A 95 3.01 -33.56 3.18
N ARG A 96 1.98 -33.16 3.94
CA ARG A 96 0.69 -32.92 3.32
C ARG A 96 0.57 -31.59 2.57
N THR A 97 1.59 -30.74 2.61
CA THR A 97 1.60 -29.51 1.82
C THR A 97 2.25 -29.85 0.49
N LEU A 98 1.45 -29.86 -0.57
CA LEU A 98 1.92 -30.34 -1.87
C LEU A 98 2.54 -29.24 -2.71
N GLY A 99 2.12 -28.00 -2.54
CA GLY A 99 2.70 -26.92 -3.31
C GLY A 99 2.53 -27.19 -4.80
N SER A 100 3.63 -26.98 -5.53
CA SER A 100 3.59 -27.14 -7.00
C SER A 100 3.14 -28.53 -7.42
N ALA A 101 3.25 -29.53 -6.55
CA ALA A 101 2.74 -30.86 -6.86
C ALA A 101 1.22 -30.89 -6.98
N ASN A 102 0.51 -29.83 -6.56
CA ASN A 102 -0.91 -29.75 -6.75
C ASN A 102 -1.29 -29.47 -8.21
N LEU A 103 -0.35 -28.96 -8.97
CA LEU A 103 -0.64 -28.62 -10.38
C LEU A 103 -0.75 -29.88 -11.23
N PRO A 104 -1.64 -29.88 -12.22
CA PRO A 104 -1.62 -30.98 -13.19
C PRO A 104 -0.26 -31.01 -13.93
N LEU A 105 0.03 -32.17 -14.50
CA LEU A 105 1.36 -32.41 -15.07
C LEU A 105 1.79 -31.31 -16.02
N ALA A 106 0.91 -30.92 -16.94
CA ALA A 106 1.30 -29.90 -17.92
C ALA A 106 1.69 -28.61 -17.23
N LYS A 107 0.96 -28.23 -16.18
CA LYS A 107 1.29 -27.01 -15.47
C LYS A 107 2.51 -27.20 -14.57
N ARG A 108 2.72 -28.41 -14.05
CA ARG A 108 3.99 -28.69 -13.37
C ARG A 108 5.18 -28.45 -14.29
N GLN A 109 5.10 -28.97 -15.50
CA GLN A 109 6.17 -28.79 -16.49
C GLN A 109 6.34 -27.32 -16.84
N GLN A 110 5.23 -26.60 -17.03
N GLN A 110 5.23 -26.59 -17.00
CA GLN A 110 5.30 -25.15 -17.22
CA GLN A 110 5.32 -25.15 -17.23
C GLN A 110 6.04 -24.50 -16.05
C GLN A 110 5.99 -24.45 -16.05
N TYR A 111 5.62 -24.83 -14.82
CA TYR A 111 6.19 -24.20 -13.63
C TYR A 111 7.69 -24.44 -13.56
N ASN A 112 8.10 -25.69 -13.77
CA ASN A 112 9.51 -26.04 -13.66
C ASN A 112 10.33 -25.34 -14.72
N ALA A 113 9.76 -25.21 -15.93
CA ALA A 113 10.48 -24.55 -17.01
C ALA A 113 10.62 -23.07 -16.72
N LEU A 114 9.59 -22.46 -16.13
CA LEU A 114 9.66 -21.04 -15.78
C LEU A 114 10.79 -20.81 -14.78
N LEU A 115 10.83 -21.63 -13.73
CA LEU A 115 11.91 -21.49 -12.75
C LEU A 115 13.27 -21.60 -13.42
N SER A 116 13.44 -22.60 -14.29
N SER A 116 13.45 -22.59 -14.30
CA SER A 116 14.73 -22.81 -14.95
CA SER A 116 14.74 -22.73 -14.99
C SER A 116 15.09 -21.65 -15.86
C SER A 116 15.04 -21.51 -15.83
N GLN A 117 14.09 -21.09 -16.56
N GLN A 117 14.08 -21.10 -16.67
CA GLN A 117 14.37 -20.03 -17.50
CA GLN A 117 14.31 -19.97 -17.57
C GLN A 117 14.65 -18.72 -16.78
C GLN A 117 14.65 -18.71 -16.79
N MET A 118 13.93 -18.45 -15.69
CA MET A 118 14.17 -17.23 -14.91
C MET A 118 15.54 -17.27 -14.27
N SER A 119 15.93 -18.41 -13.76
CA SER A 119 17.28 -18.56 -13.17
C SER A 119 18.35 -18.35 -14.23
N ARG A 120 18.16 -18.90 -15.42
CA ARG A 120 19.14 -18.76 -16.48
C ARG A 120 19.27 -17.32 -16.93
N ILE A 121 18.14 -16.61 -17.07
CA ILE A 121 18.20 -15.21 -17.49
C ILE A 121 19.00 -14.38 -16.48
N TYR A 122 18.67 -14.53 -15.20
CA TYR A 122 19.37 -13.72 -14.19
C TYR A 122 20.86 -14.00 -14.20
N SER A 123 21.23 -15.29 -14.25
CA SER A 123 22.64 -15.62 -13.99
C SER A 123 23.50 -15.60 -15.23
N THR A 124 22.92 -15.35 -16.40
CA THR A 124 23.70 -15.17 -17.61
C THR A 124 23.55 -13.79 -18.23
N ALA A 125 22.75 -12.91 -17.64
CA ALA A 125 22.63 -11.55 -18.14
C ALA A 125 23.99 -10.87 -18.16
N LYS A 126 24.20 -10.05 -19.18
CA LYS A 126 25.45 -9.31 -19.37
C LYS A 126 25.15 -7.88 -19.75
N VAL A 127 26.07 -6.98 -19.40
CA VAL A 127 26.03 -5.59 -19.83
C VAL A 127 27.13 -5.42 -20.87
N CYS A 128 26.75 -5.08 -22.08
CA CYS A 128 27.72 -4.96 -23.17
C CYS A 128 27.98 -3.49 -23.47
N LEU A 129 29.18 -3.21 -23.89
CA LEU A 129 29.58 -1.84 -24.09
C LEU A 129 29.43 -1.43 -25.55
N PRO A 130 29.07 -0.17 -25.81
CA PRO A 130 29.01 0.33 -27.19
C PRO A 130 30.36 0.89 -27.66
N LYS A 132 32.68 -1.35 -28.34
CA LYS A 132 33.06 -2.75 -28.27
C LYS A 132 31.84 -3.61 -27.97
N THR A 133 30.99 -3.81 -28.98
CA THR A 133 29.78 -4.61 -28.78
C THR A 133 30.09 -6.04 -28.32
N ALA A 134 31.32 -6.50 -28.54
CA ALA A 134 31.71 -7.83 -28.09
C ALA A 134 31.97 -7.86 -26.59
N THR A 135 32.73 -6.88 -26.09
CA THR A 135 33.10 -6.83 -24.68
C THR A 135 31.86 -6.64 -23.80
N CYS A 136 31.63 -7.60 -22.89
CA CYS A 136 30.44 -7.59 -22.04
C CYS A 136 30.81 -7.90 -20.60
N TRP A 137 30.15 -7.24 -19.68
CA TRP A 137 30.42 -7.37 -18.25
C TRP A 137 29.38 -8.26 -17.58
N SER A 138 29.85 -9.14 -16.69
CA SER A 138 28.98 -9.96 -15.86
C SER A 138 28.68 -9.24 -14.54
N LEU A 139 27.58 -9.65 -13.91
CA LEU A 139 27.26 -9.10 -12.60
C LEU A 139 28.40 -9.34 -11.63
N ASP A 140 28.86 -10.59 -11.55
CA ASP A 140 29.93 -11.00 -10.65
C ASP A 140 31.07 -11.56 -11.49
N PRO A 141 32.26 -10.93 -11.50
CA PRO A 141 32.70 -9.83 -10.66
C PRO A 141 32.53 -8.40 -11.21
N ASP A 142 32.30 -8.28 -12.51
CA ASP A 142 32.51 -7.01 -13.19
C ASP A 142 31.63 -5.91 -12.62
N LEU A 143 30.30 -6.04 -12.74
CA LEU A 143 29.44 -4.93 -12.31
C LEU A 143 29.50 -4.72 -10.79
N THR A 144 29.61 -5.81 -10.03
CA THR A 144 29.78 -5.70 -8.61
C THR A 144 30.96 -4.81 -8.25
N ASN A 145 32.10 -5.02 -8.92
CA ASN A 145 33.27 -4.21 -8.61
C ASN A 145 33.07 -2.75 -8.99
N ILE A 146 32.37 -2.49 -10.09
CA ILE A 146 32.11 -1.11 -10.50
C ILE A 146 31.26 -0.40 -9.45
N LEU A 147 30.14 -1.01 -9.07
CA LEU A 147 29.27 -0.44 -8.03
C LEU A 147 30.04 -0.22 -6.73
N ALA A 148 30.99 -1.11 -6.41
CA ALA A 148 31.70 -1.00 -5.14
C ALA A 148 32.85 -0.01 -5.16
N SER A 149 33.59 0.06 -6.27
N SER A 149 33.56 0.10 -6.28
CA SER A 149 34.84 0.82 -6.30
CA SER A 149 34.84 0.79 -6.33
C SER A 149 34.75 2.11 -7.09
C SER A 149 34.85 2.04 -7.17
N SER A 150 33.96 2.16 -8.15
CA SER A 150 33.92 3.33 -9.01
C SER A 150 33.26 4.48 -8.26
N ARG A 151 33.79 5.69 -8.49
CA ARG A 151 33.19 6.92 -8.01
C ARG A 151 32.88 7.86 -9.17
N SER A 152 32.78 7.30 -10.37
CA SER A 152 32.32 8.04 -11.54
C SER A 152 30.80 7.90 -11.63
N TYR A 153 30.10 9.03 -11.50
CA TYR A 153 28.65 9.00 -11.61
C TYR A 153 28.20 8.35 -12.91
N ALA A 154 28.91 8.63 -14.02
CA ALA A 154 28.45 8.14 -15.31
C ALA A 154 28.71 6.65 -15.46
N MET A 155 29.82 6.17 -14.91
CA MET A 155 30.14 4.76 -15.01
C MET A 155 29.21 3.94 -14.13
N LEU A 156 29.02 4.38 -12.89
CA LEU A 156 28.03 3.74 -12.01
C LEU A 156 26.66 3.70 -12.65
N LEU A 157 26.27 4.79 -13.32
CA LEU A 157 24.98 4.81 -13.98
C LEU A 157 24.94 3.79 -15.11
N PHE A 158 26.02 3.67 -15.88
CA PHE A 158 26.04 2.69 -16.96
C PHE A 158 25.85 1.27 -16.42
N ALA A 159 26.56 0.93 -15.36
CA ALA A 159 26.45 -0.39 -14.76
C ALA A 159 25.06 -0.59 -14.18
N TRP A 160 24.55 0.40 -13.44
CA TRP A 160 23.22 0.24 -12.80
C TRP A 160 22.12 0.06 -13.83
N GLU A 161 22.06 0.96 -14.80
CA GLU A 161 21.03 0.90 -15.82
C GLU A 161 21.22 -0.34 -16.69
N GLY A 162 22.45 -0.60 -17.12
CA GLY A 162 22.71 -1.78 -17.92
C GLY A 162 22.22 -3.05 -17.25
N TRP A 163 22.54 -3.21 -15.95
CA TRP A 163 22.15 -4.42 -15.25
C TRP A 163 20.63 -4.52 -15.11
N HIS A 164 19.99 -3.45 -14.68
CA HIS A 164 18.55 -3.52 -14.42
C HIS A 164 17.77 -3.76 -15.71
N ASN A 165 18.24 -3.20 -16.82
CA ASN A 165 17.59 -3.45 -18.10
C ASN A 165 17.86 -4.87 -18.58
N ALA A 166 19.10 -5.35 -18.45
CA ALA A 166 19.46 -6.64 -19.01
C ALA A 166 18.78 -7.79 -18.28
N ALA A 167 18.75 -7.71 -16.95
CA ALA A 167 18.15 -8.77 -16.16
C ALA A 167 16.65 -8.64 -16.04
N GLY A 168 16.14 -7.42 -15.82
CA GLY A 168 14.74 -7.25 -15.46
C GLY A 168 13.77 -7.39 -16.60
N ILE A 169 14.08 -6.72 -17.70
CA ILE A 169 13.11 -6.63 -18.79
C ILE A 169 12.71 -8.01 -19.31
N PRO A 170 13.62 -8.91 -19.61
CA PRO A 170 13.17 -10.22 -20.13
C PRO A 170 12.47 -11.09 -19.09
N LEU A 171 12.65 -10.81 -17.81
CA LEU A 171 12.04 -11.62 -16.76
C LEU A 171 10.56 -11.36 -16.61
N LYS A 172 10.07 -10.18 -16.99
CA LYS A 172 8.73 -9.77 -16.56
C LYS A 172 7.66 -10.74 -17.06
N PRO A 173 7.59 -11.10 -18.33
CA PRO A 173 6.50 -12.00 -18.74
C PRO A 173 6.55 -13.37 -18.07
N LEU A 174 7.75 -13.89 -17.82
CA LEU A 174 7.90 -15.15 -17.10
C LEU A 174 7.43 -15.02 -15.66
N TYR A 175 7.75 -13.92 -15.00
CA TYR A 175 7.42 -13.74 -13.60
C TYR A 175 5.91 -13.64 -13.42
N GLU A 176 5.22 -13.02 -14.40
N GLU A 176 5.22 -13.02 -14.39
CA GLU A 176 3.77 -12.99 -14.33
CA GLU A 176 3.77 -12.98 -14.35
C GLU A 176 3.21 -14.39 -14.37
C GLU A 176 3.21 -14.38 -14.38
N ASP A 177 3.72 -15.22 -15.29
CA ASP A 177 3.20 -16.57 -15.45
C ASP A 177 3.53 -17.42 -14.22
N PHE A 178 4.74 -17.26 -13.68
CA PHE A 178 5.10 -17.96 -12.45
C PHE A 178 4.15 -17.62 -11.32
N THR A 179 3.87 -16.33 -11.12
CA THR A 179 3.02 -15.90 -10.02
C THR A 179 1.69 -16.59 -10.07
N ALA A 180 1.06 -16.60 -11.25
CA ALA A 180 -0.24 -17.23 -11.38
C ALA A 180 -0.18 -18.73 -11.06
N LEU A 181 0.82 -19.42 -11.57
CA LEU A 181 0.90 -20.85 -11.33
C LEU A 181 1.19 -21.13 -9.85
N SER A 182 2.05 -20.34 -9.25
CA SER A 182 2.41 -20.51 -7.84
C SER A 182 1.15 -20.37 -6.99
N ASN A 183 0.37 -19.30 -7.24
CA ASN A 183 -0.86 -19.10 -6.49
C ASN A 183 -1.82 -20.27 -6.71
N GLU A 184 -1.98 -20.69 -7.97
CA GLU A 184 -2.87 -21.81 -8.26
C GLU A 184 -2.48 -23.04 -7.43
N ALA A 185 -1.20 -23.31 -7.33
CA ALA A 185 -0.71 -24.47 -6.59
C ALA A 185 -1.05 -24.37 -5.11
N TYR A 186 -0.71 -23.24 -4.48
CA TYR A 186 -0.84 -23.14 -3.03
C TYR A 186 -2.27 -22.87 -2.60
N LYS A 187 -3.14 -22.38 -3.49
CA LYS A 187 -4.54 -22.23 -3.14
C LYS A 187 -5.15 -23.60 -2.87
N GLN A 188 -4.64 -24.65 -3.50
CA GLN A 188 -5.09 -26.02 -3.25
C GLN A 188 -4.50 -26.60 -1.96
N ASP A 189 -3.53 -25.95 -1.37
CA ASP A 189 -3.07 -26.29 -0.02
C ASP A 189 -3.87 -25.53 1.05
N GLY A 190 -4.82 -24.68 0.64
CA GLY A 190 -5.64 -23.92 1.56
C GLY A 190 -5.23 -22.47 1.80
N PHE A 191 -4.22 -21.97 1.12
CA PHE A 191 -3.70 -20.61 1.33
C PHE A 191 -4.31 -19.65 0.32
N THR A 192 -4.60 -18.42 0.78
CA THR A 192 -5.19 -17.45 -0.12
C THR A 192 -4.27 -17.10 -1.30
N ASP A 193 -2.95 -17.14 -1.07
CA ASP A 193 -1.95 -16.89 -2.11
C ASP A 193 -0.63 -17.40 -1.60
N THR A 194 0.40 -17.37 -2.48
CA THR A 194 1.69 -17.92 -2.09
C THR A 194 2.30 -17.19 -0.91
N GLY A 195 2.10 -15.87 -0.84
CA GLY A 195 2.71 -15.11 0.23
C GLY A 195 2.15 -15.53 1.57
N ALA A 196 0.86 -15.87 1.61
CA ALA A 196 0.29 -16.38 2.85
C ALA A 196 0.97 -17.67 3.28
N TYR A 197 1.28 -18.55 2.31
CA TYR A 197 2.03 -19.75 2.65
C TYR A 197 3.43 -19.38 3.17
N TRP A 198 4.11 -18.47 2.48
CA TRP A 198 5.45 -18.09 2.96
C TRP A 198 5.39 -17.52 4.38
N ARG A 199 4.41 -16.70 4.67
CA ARG A 199 4.35 -16.10 6.00
C ARG A 199 4.00 -17.13 7.06
N SER A 200 3.31 -18.21 6.67
CA SER A 200 2.89 -19.23 7.63
C SER A 200 4.08 -19.92 8.30
N TRP A 201 5.28 -19.86 7.73
CA TRP A 201 6.43 -20.51 8.33
C TRP A 201 6.79 -19.91 9.68
N TYR A 202 6.34 -18.69 9.97
CA TYR A 202 6.69 -18.02 11.22
C TYR A 202 5.64 -18.31 12.31
N ASN A 203 4.57 -19.00 11.96
CA ASN A 203 3.53 -19.40 12.90
C ASN A 203 3.26 -18.32 13.96
N SER A 204 2.86 -17.16 13.46
CA SER A 204 2.49 -16.04 14.30
C SER A 204 1.32 -15.31 13.65
N PRO A 205 0.15 -15.28 14.28
CA PRO A 205 -0.98 -14.57 13.66
C PRO A 205 -0.75 -13.09 13.50
N THR A 206 0.21 -12.52 14.24
CA THR A 206 0.47 -11.09 14.23
C THR A 206 1.78 -10.77 13.53
N PHE A 207 2.22 -11.64 12.62
CA PHE A 207 3.56 -11.50 12.02
C PHE A 207 3.75 -10.13 11.39
N GLU A 208 2.83 -9.73 10.53
CA GLU A 208 3.04 -8.49 9.79
C GLU A 208 3.01 -7.27 10.71
N ASP A 209 2.09 -7.25 11.66
CA ASP A 209 2.07 -6.18 12.66
C ASP A 209 3.32 -6.17 13.52
N ASP A 210 3.79 -7.35 13.93
CA ASP A 210 5.02 -7.42 14.72
C ASP A 210 6.21 -6.85 13.93
N LEU A 211 6.29 -7.16 12.63
CA LEU A 211 7.37 -6.62 11.80
C LEU A 211 7.26 -5.10 11.72
N GLU A 212 6.05 -4.59 11.50
N GLU A 212 6.05 -4.60 11.52
CA GLU A 212 5.89 -3.15 11.40
CA GLU A 212 5.85 -3.16 11.41
C GLU A 212 6.32 -2.46 12.69
C GLU A 212 6.27 -2.45 12.68
N HIS A 213 5.95 -3.02 13.84
CA HIS A 213 6.32 -2.40 15.11
C HIS A 213 7.84 -2.39 15.26
N LEU A 214 8.51 -3.47 14.85
CA LEU A 214 9.98 -3.48 14.85
C LEU A 214 10.53 -2.38 13.96
N TYR A 215 10.00 -2.25 12.74
CA TYR A 215 10.57 -1.26 11.84
C TYR A 215 10.37 0.15 12.39
N GLN A 216 9.24 0.41 13.09
CA GLN A 216 9.05 1.74 13.65
C GLN A 216 10.16 2.09 14.62
N GLN A 217 10.67 1.11 15.35
CA GLN A 217 11.75 1.35 16.30
C GLN A 217 13.07 1.60 15.61
N LEU A 218 13.26 0.97 14.46
CA LEU A 218 14.52 1.03 13.73
C LEU A 218 14.60 2.20 12.76
N GLU A 219 13.45 2.70 12.30
CA GLU A 219 13.46 3.71 11.25
C GLU A 219 14.26 4.96 11.63
N PRO A 220 14.18 5.51 12.85
CA PRO A 220 14.96 6.71 13.15
C PRO A 220 16.45 6.48 12.96
N LEU A 221 16.95 5.26 13.22
CA LEU A 221 18.37 5.00 13.02
C LEU A 221 18.71 5.10 11.55
N TYR A 222 17.84 4.52 10.70
CA TYR A 222 18.07 4.59 9.27
C TYR A 222 18.00 6.03 8.79
N LEU A 223 16.99 6.80 9.23
CA LEU A 223 16.84 8.16 8.74
C LEU A 223 18.08 8.98 9.02
N ASN A 224 18.67 8.81 10.20
CA ASN A 224 19.87 9.58 10.55
C ASN A 224 21.09 9.09 9.77
N LEU A 225 21.21 7.77 9.56
CA LEU A 225 22.33 7.29 8.76
C LEU A 225 22.21 7.80 7.32
N HIS A 226 20.98 7.75 6.79
CA HIS A 226 20.69 8.23 5.44
C HIS A 226 21.10 9.67 5.26
N ALA A 227 20.68 10.53 6.17
CA ALA A 227 20.96 11.95 6.05
C ALA A 227 22.46 12.24 6.09
N PHE A 228 23.18 11.55 6.96
CA PHE A 228 24.61 11.71 7.12
C PHE A 228 25.33 11.28 5.85
N VAL A 229 24.93 10.14 5.29
CA VAL A 229 25.54 9.63 4.08
C VAL A 229 25.21 10.54 2.89
N ARG A 230 23.96 10.97 2.80
CA ARG A 230 23.58 11.89 1.73
C ARG A 230 24.45 13.14 1.74
N ARG A 231 24.74 13.68 2.94
CA ARG A 231 25.62 14.84 3.04
C ARG A 231 27.02 14.54 2.49
N ALA A 232 27.57 13.40 2.85
CA ALA A 232 28.87 13.01 2.36
C ALA A 232 28.86 12.87 0.83
N LEU A 233 27.80 12.27 0.28
CA LEU A 233 27.69 12.14 -1.17
C LEU A 233 27.54 13.51 -1.83
N HIS A 234 26.85 14.44 -1.17
CA HIS A 234 26.72 15.80 -1.72
C HIS A 234 28.08 16.48 -1.83
N ARG A 235 28.94 16.26 -0.84
CA ARG A 235 30.25 16.88 -0.87
C ARG A 235 31.11 16.34 -2.01
N ARG A 236 30.86 15.11 -2.46
CA ARG A 236 31.63 14.52 -3.57
C ARG A 236 31.00 14.76 -4.93
N TYR A 237 29.70 14.58 -5.05
CA TYR A 237 29.04 14.59 -6.36
C TYR A 237 28.42 15.92 -6.70
N GLY A 238 28.13 16.76 -5.72
CA GLY A 238 27.67 18.11 -5.99
C GLY A 238 26.15 18.20 -5.96
N ASP A 239 25.68 19.45 -5.95
CA ASP A 239 24.25 19.75 -5.83
C ASP A 239 23.45 19.32 -7.04
N ARG A 240 24.10 19.14 -8.19
CA ARG A 240 23.36 18.71 -9.37
C ARG A 240 22.91 17.26 -9.25
N TYR A 241 23.72 16.40 -8.65
CA TYR A 241 23.43 14.98 -8.58
C TYR A 241 22.92 14.52 -7.23
N ILE A 242 23.00 15.36 -6.19
CA ILE A 242 22.58 15.02 -4.84
C ILE A 242 21.69 16.13 -4.32
N ASN A 243 20.46 15.77 -3.96
CA ASN A 243 19.49 16.70 -3.40
C ASN A 243 19.45 16.44 -1.89
N LEU A 244 19.91 17.42 -1.12
CA LEU A 244 19.96 17.27 0.33
C LEU A 244 18.59 17.18 0.96
N ARG A 245 17.52 17.37 0.20
CA ARG A 245 16.16 17.14 0.74
C ARG A 245 15.38 16.11 -0.04
N GLY A 246 16.05 15.31 -0.87
CA GLY A 246 15.39 14.30 -1.66
C GLY A 246 16.05 12.95 -1.56
N PRO A 247 15.52 11.96 -2.27
CA PRO A 247 16.08 10.63 -2.20
C PRO A 247 17.46 10.60 -2.83
N ILE A 248 18.26 9.62 -2.40
CA ILE A 248 19.60 9.44 -2.93
C ILE A 248 19.52 8.64 -4.23
N PRO A 249 20.25 9.02 -5.29
CA PRO A 249 20.26 8.16 -6.49
C PRO A 249 20.75 6.76 -6.15
N ALA A 250 20.07 5.77 -6.72
CA ALA A 250 20.16 4.41 -6.22
C ALA A 250 21.45 3.69 -6.61
N HIS A 251 22.34 4.34 -7.40
CA HIS A 251 23.55 3.70 -7.88
C HIS A 251 24.81 4.22 -7.18
N LEU A 252 24.66 5.04 -6.15
CA LEU A 252 25.78 5.72 -5.52
C LEU A 252 26.19 5.17 -4.17
N LEU A 253 25.66 4.03 -3.76
CA LEU A 253 25.77 3.57 -2.39
C LEU A 253 26.62 2.31 -2.25
N GLY A 254 27.37 1.94 -3.29
CA GLY A 254 28.33 0.87 -3.22
C GLY A 254 27.85 -0.50 -3.61
N ASP A 255 26.55 -0.65 -3.93
CA ASP A 255 25.93 -1.97 -4.04
C ASP A 255 24.87 -1.82 -5.14
N MET A 256 24.72 -2.85 -5.97
CA MET A 256 23.78 -2.75 -7.10
C MET A 256 22.36 -2.44 -6.62
N TRP A 257 22.01 -2.86 -5.41
CA TRP A 257 20.64 -2.69 -4.88
C TRP A 257 20.56 -1.63 -3.79
N ALA A 258 21.65 -0.90 -3.58
CA ALA A 258 21.76 0.06 -2.48
C ALA A 258 21.40 -0.60 -1.15
N GLN A 259 21.67 -1.92 -1.02
CA GLN A 259 21.13 -2.65 0.14
C GLN A 259 22.08 -2.67 1.31
N SER A 260 23.36 -2.51 1.05
N SER A 260 23.36 -2.52 1.04
CA SER A 260 24.36 -2.33 2.11
CA SER A 260 24.37 -2.34 2.09
C SER A 260 25.36 -1.31 1.60
C SER A 260 25.33 -1.29 1.58
N TRP A 261 25.78 -0.40 2.48
CA TRP A 261 26.57 0.74 2.07
C TRP A 261 28.04 0.66 2.53
N GLU A 262 28.48 -0.51 2.97
CA GLU A 262 29.86 -0.62 3.49
C GLU A 262 30.91 -0.20 2.47
N ASN A 263 30.62 -0.32 1.17
CA ASN A 263 31.59 0.01 0.15
C ASN A 263 31.86 1.49 0.01
N ILE A 264 31.04 2.37 0.58
CA ILE A 264 31.34 3.78 0.58
C ILE A 264 31.89 4.25 1.93
N TYR A 265 32.26 3.33 2.80
CA TYR A 265 32.82 3.69 4.11
C TYR A 265 33.95 4.70 3.98
N ASP A 266 34.85 4.53 2.97
CA ASP A 266 35.96 5.46 2.86
C ASP A 266 35.48 6.89 2.65
N MET A 267 34.25 7.07 2.10
CA MET A 267 33.76 8.41 1.89
C MET A 267 33.06 9.01 3.08
N VAL A 268 32.67 8.19 4.07
CA VAL A 268 31.90 8.67 5.20
C VAL A 268 32.64 8.55 6.53
N VAL A 269 33.77 7.87 6.58
CA VAL A 269 34.49 7.56 7.82
C VAL A 269 34.65 8.83 8.66
N PRO A 270 34.09 8.87 9.88
CA PRO A 270 34.16 10.09 10.67
C PRO A 270 35.57 10.50 11.07
N PHE A 271 36.46 9.55 11.40
CA PHE A 271 37.78 9.89 11.95
C PHE A 271 38.87 9.14 11.18
N PRO A 272 39.25 9.67 10.01
CA PRO A 272 40.15 8.91 9.11
C PRO A 272 41.57 8.66 9.61
N ASP A 273 42.07 9.38 10.61
CA ASP A 273 43.44 9.10 11.08
C ASP A 273 43.48 8.01 12.16
N LYS A 274 42.35 7.37 12.45
CA LYS A 274 42.31 6.16 13.27
C LYS A 274 42.58 4.96 12.37
N PRO A 275 42.72 3.77 12.94
CA PRO A 275 43.01 2.59 12.11
C PRO A 275 41.98 2.41 11.00
N ASN A 276 42.45 1.96 9.84
CA ASN A 276 41.58 1.71 8.70
C ASN A 276 40.88 0.37 8.90
N LEU A 277 39.56 0.42 9.12
CA LEU A 277 38.80 -0.77 9.48
C LEU A 277 38.36 -1.58 8.29
N ASP A 278 38.53 -1.08 7.08
CA ASP A 278 38.32 -1.89 5.87
C ASP A 278 39.66 -2.56 5.56
N VAL A 279 39.74 -3.86 5.82
CA VAL A 279 41.02 -4.56 5.73
C VAL A 279 41.26 -5.22 4.38
N THR A 280 40.40 -4.90 3.40
CA THR A 280 40.58 -5.49 2.06
C THR A 280 41.99 -5.30 1.53
N SER A 281 42.51 -4.08 1.61
CA SER A 281 43.85 -3.83 1.07
C SER A 281 44.90 -4.69 1.74
N THR A 282 44.74 -4.97 3.05
CA THR A 282 45.67 -5.83 3.75
C THR A 282 45.52 -7.27 3.31
N MET A 283 44.27 -7.73 3.11
CA MET A 283 44.09 -9.08 2.57
C MET A 283 44.81 -9.22 1.23
N LEU A 284 44.64 -8.23 0.36
CA LEU A 284 45.32 -8.26 -0.93
C LEU A 284 46.83 -8.22 -0.74
N GLN A 285 47.32 -7.22 0.01
CA GLN A 285 48.75 -7.10 0.26
C GLN A 285 49.34 -8.39 0.84
N GLN A 286 48.55 -9.17 1.58
CA GLN A 286 49.05 -10.39 2.20
C GLN A 286 48.84 -11.64 1.36
N GLY A 287 48.13 -11.54 0.23
CA GLY A 287 47.99 -12.69 -0.64
C GLY A 287 46.87 -13.63 -0.28
N TRP A 288 45.86 -13.14 0.42
CA TRP A 288 44.72 -13.98 0.74
C TRP A 288 44.06 -14.49 -0.53
N GLN A 289 43.65 -15.75 -0.51
CA GLN A 289 42.86 -16.37 -1.56
C GLN A 289 41.59 -16.93 -0.97
N ALA A 290 40.69 -17.39 -1.86
CA ALA A 290 39.42 -17.93 -1.40
C ALA A 290 39.62 -19.01 -0.35
N THR A 291 40.53 -19.96 -0.62
CA THR A 291 40.67 -21.09 0.31
C THR A 291 41.11 -20.62 1.69
N HIS A 292 41.93 -19.58 1.77
CA HIS A 292 42.31 -19.02 3.06
C HIS A 292 41.08 -18.48 3.78
N MET A 293 40.22 -17.77 3.05
CA MET A 293 39.06 -17.18 3.69
C MET A 293 38.15 -18.24 4.28
N PHE A 294 37.97 -19.36 3.56
CA PHE A 294 37.13 -20.43 4.08
C PHE A 294 37.80 -21.14 5.26
N ARG A 295 39.11 -21.31 5.21
CA ARG A 295 39.81 -21.93 6.35
C ARG A 295 39.76 -21.06 7.59
N VAL A 296 39.83 -19.74 7.42
CA VAL A 296 39.80 -18.85 8.58
C VAL A 296 38.42 -18.87 9.20
N ALA A 297 37.39 -18.89 8.36
CA ALA A 297 36.03 -19.00 8.87
C ALA A 297 35.85 -20.31 9.61
N GLU A 298 36.32 -21.41 9.02
CA GLU A 298 36.19 -22.71 9.63
C GLU A 298 36.82 -22.72 11.01
N GLU A 299 38.01 -22.12 11.14
CA GLU A 299 38.68 -22.17 12.41
C GLU A 299 37.93 -21.41 13.48
N PHE A 300 37.19 -20.36 13.12
CA PHE A 300 36.32 -19.73 14.11
C PHE A 300 35.30 -20.73 14.64
N PHE A 301 34.61 -21.43 13.71
CA PHE A 301 33.66 -22.44 14.13
C PHE A 301 34.31 -23.48 15.04
N THR A 302 35.47 -24.01 14.65
CA THR A 302 36.10 -25.03 15.48
C THR A 302 36.59 -24.47 16.80
N SER A 303 36.90 -23.18 16.85
CA SER A 303 37.31 -22.58 18.11
C SER A 303 36.18 -22.62 19.14
N LEU A 304 34.94 -22.65 18.67
CA LEU A 304 33.77 -22.79 19.52
C LEU A 304 33.42 -24.25 19.79
N GLU A 305 34.24 -25.18 19.32
CA GLU A 305 33.93 -26.62 19.40
C GLU A 305 32.70 -27.00 18.59
N LEU A 306 32.45 -26.24 17.52
CA LEU A 306 31.53 -26.69 16.48
C LEU A 306 32.33 -27.50 15.45
N SER A 307 31.63 -28.04 14.43
CA SER A 307 32.28 -29.01 13.57
C SER A 307 33.12 -28.32 12.49
N PRO A 308 34.26 -28.90 12.11
CA PRO A 308 34.96 -28.43 10.91
C PRO A 308 34.18 -28.83 9.67
N MET A 309 34.58 -28.27 8.56
CA MET A 309 34.00 -28.69 7.27
C MET A 309 34.51 -30.07 6.90
N PRO A 310 33.64 -31.00 6.51
CA PRO A 310 34.09 -32.35 6.20
C PRO A 310 34.86 -32.40 4.89
N PRO A 311 35.61 -33.48 4.66
CA PRO A 311 36.33 -33.61 3.38
C PRO A 311 35.46 -33.44 2.18
N GLU A 312 34.24 -33.99 2.23
CA GLU A 312 33.31 -33.84 1.11
C GLU A 312 33.04 -32.38 0.78
N PHE A 313 33.09 -31.49 1.78
CA PHE A 313 32.91 -30.07 1.51
C PHE A 313 34.08 -29.52 0.69
N TRP A 314 35.31 -29.79 1.13
CA TRP A 314 36.45 -29.26 0.41
C TRP A 314 36.56 -29.88 -0.98
N GLU A 315 36.22 -31.15 -1.12
CA GLU A 315 36.35 -31.83 -2.39
C GLU A 315 35.27 -31.40 -3.38
N GLY A 316 34.09 -31.05 -2.89
CA GLY A 316 32.95 -30.81 -3.76
C GLY A 316 32.60 -29.37 -4.04
N SER A 317 33.02 -28.47 -3.15
CA SER A 317 32.59 -27.10 -3.20
C SER A 317 33.19 -26.36 -4.40
N MET A 318 32.49 -25.31 -4.84
CA MET A 318 33.01 -24.40 -5.87
C MET A 318 33.26 -23.07 -5.16
N LEU A 319 34.54 -22.77 -4.89
CA LEU A 319 34.86 -21.61 -4.04
C LEU A 319 35.39 -20.44 -4.84
N GLU A 320 35.60 -20.61 -6.14
CA GLU A 320 36.02 -19.55 -7.05
C GLU A 320 35.21 -19.68 -8.34
N LYS A 321 35.00 -18.55 -8.99
CA LYS A 321 34.43 -18.58 -10.34
C LYS A 321 35.33 -19.40 -11.27
N PRO A 322 34.79 -20.38 -11.99
CA PRO A 322 35.64 -21.17 -12.89
C PRO A 322 36.31 -20.32 -13.95
N ALA A 323 37.54 -20.66 -14.26
CA ALA A 323 38.30 -19.94 -15.27
C ALA A 323 38.20 -20.57 -16.64
N ASP A 324 37.61 -21.76 -16.74
CA ASP A 324 37.32 -22.37 -18.03
C ASP A 324 36.20 -21.65 -18.77
N GLY A 325 35.69 -20.55 -18.22
CA GLY A 325 34.68 -19.75 -18.87
C GLY A 325 33.26 -20.28 -18.79
N ARG A 326 33.07 -21.52 -18.35
CA ARG A 326 31.73 -22.09 -18.33
C ARG A 326 30.82 -21.27 -17.42
N GLU A 327 29.57 -21.13 -17.83
CA GLU A 327 28.62 -20.29 -17.12
C GLU A 327 28.18 -20.96 -15.83
N VAL A 328 28.17 -20.17 -14.75
CA VAL A 328 27.74 -20.66 -13.45
C VAL A 328 26.85 -19.62 -12.80
N VAL A 329 26.06 -20.07 -11.83
CA VAL A 329 25.33 -19.17 -10.95
C VAL A 329 26.34 -18.70 -9.90
N CYS A 330 26.70 -17.43 -9.94
CA CYS A 330 27.72 -16.96 -9.01
C CYS A 330 27.14 -16.60 -7.65
N HIS A 331 25.86 -16.30 -7.58
CA HIS A 331 25.27 -15.89 -6.31
C HIS A 331 25.53 -16.92 -5.22
N ALA A 332 26.15 -16.47 -4.12
CA ALA A 332 26.65 -17.40 -3.12
C ALA A 332 25.53 -18.19 -2.46
N SER A 333 25.75 -19.49 -2.27
CA SER A 333 24.80 -20.33 -1.61
C SER A 333 25.47 -21.56 -1.00
N ALA A 334 24.78 -22.11 -0.01
CA ALA A 334 25.19 -23.23 0.80
C ALA A 334 24.20 -24.36 0.61
N TRP A 335 24.71 -25.54 0.33
CA TRP A 335 23.93 -26.67 -0.18
C TRP A 335 23.94 -27.85 0.77
N ASP A 336 22.73 -28.31 1.11
CA ASP A 336 22.53 -29.58 1.80
C ASP A 336 22.01 -30.58 0.76
N PHE A 337 22.73 -31.67 0.58
CA PHE A 337 22.30 -32.71 -0.36
C PHE A 337 21.39 -33.76 0.25
N TYR A 338 21.08 -33.66 1.54
CA TYR A 338 20.11 -34.51 2.23
C TYR A 338 20.52 -35.99 2.26
N ASN A 339 21.81 -36.30 2.07
CA ASN A 339 22.32 -37.64 2.27
C ASN A 339 23.21 -37.74 3.50
N ARG A 340 23.28 -36.68 4.30
CA ARG A 340 24.04 -36.60 5.54
C ARG A 340 25.55 -36.66 5.31
N LYS A 341 26.02 -36.51 4.07
CA LYS A 341 27.43 -36.65 3.75
C LYS A 341 27.92 -35.46 2.93
N ASP A 342 27.15 -35.06 1.92
CA ASP A 342 27.55 -34.01 0.99
C ASP A 342 26.95 -32.68 1.43
N PHE A 343 27.83 -31.70 1.63
CA PHE A 343 27.49 -30.33 1.99
C PHE A 343 28.51 -29.48 1.24
N ARG A 344 28.06 -28.43 0.57
CA ARG A 344 28.93 -27.67 -0.30
C ARG A 344 28.52 -26.21 -0.29
N ILE A 345 29.49 -25.35 -0.54
CA ILE A 345 29.20 -23.95 -0.85
C ILE A 345 29.55 -23.73 -2.31
N LYS A 346 28.76 -22.89 -2.96
CA LYS A 346 28.99 -22.45 -4.35
C LYS A 346 29.10 -20.92 -4.28
N GLN A 347 30.32 -20.41 -4.40
CA GLN A 347 30.59 -18.98 -4.26
C GLN A 347 31.70 -18.56 -5.21
N CYS A 348 31.47 -17.48 -5.97
CA CYS A 348 32.49 -16.89 -6.83
C CYS A 348 33.28 -15.90 -5.98
N THR A 349 34.01 -16.47 -5.04
CA THR A 349 34.61 -15.67 -3.97
C THR A 349 35.62 -14.67 -4.51
N ARG A 350 35.50 -13.42 -4.06
CA ARG A 350 36.49 -12.37 -4.29
C ARG A 350 37.17 -12.03 -2.97
N VAL A 351 38.39 -11.50 -3.07
CA VAL A 351 39.22 -11.26 -1.88
C VAL A 351 38.90 -9.86 -1.39
N THR A 352 37.90 -9.77 -0.50
CA THR A 352 37.47 -8.50 0.07
C THR A 352 36.95 -8.79 1.48
N MET A 353 36.92 -7.74 2.30
CA MET A 353 36.39 -7.89 3.66
C MET A 353 34.89 -8.26 3.63
N ASP A 354 34.11 -7.64 2.74
CA ASP A 354 32.70 -8.02 2.68
C ASP A 354 32.52 -9.45 2.24
N GLN A 355 33.42 -9.97 1.38
CA GLN A 355 33.32 -11.35 0.97
C GLN A 355 33.70 -12.29 2.10
N LEU A 356 34.61 -11.85 2.96
CA LEU A 356 34.89 -12.65 4.14
C LEU A 356 33.65 -12.80 4.99
N SER A 357 32.86 -11.74 5.11
CA SER A 357 31.58 -11.83 5.82
C SER A 357 30.63 -12.78 5.13
N THR A 358 30.53 -12.72 3.80
CA THR A 358 29.71 -13.66 3.06
C THR A 358 30.16 -15.09 3.28
N VAL A 359 31.46 -15.36 3.28
CA VAL A 359 31.94 -16.71 3.56
C VAL A 359 31.42 -17.19 4.91
N HIS A 360 31.48 -16.32 5.94
CA HIS A 360 30.96 -16.70 7.25
C HIS A 360 29.45 -16.96 7.20
N HIS A 361 28.71 -16.11 6.48
CA HIS A 361 27.28 -16.30 6.32
C HIS A 361 26.98 -17.68 5.76
N GLU A 362 27.64 -18.02 4.66
CA GLU A 362 27.40 -19.31 4.01
C GLU A 362 27.89 -20.46 4.87
N MET A 363 29.04 -20.31 5.53
CA MET A 363 29.48 -21.39 6.39
C MET A 363 28.52 -21.57 7.57
N GLY A 364 27.87 -20.49 8.01
CA GLY A 364 26.81 -20.62 9.01
C GLY A 364 25.70 -21.57 8.57
N HIS A 365 25.27 -21.46 7.31
CA HIS A 365 24.31 -22.39 6.75
C HIS A 365 24.85 -23.81 6.82
N ILE A 366 26.10 -24.02 6.39
CA ILE A 366 26.66 -25.37 6.39
C ILE A 366 26.67 -25.94 7.80
N GLN A 367 27.09 -25.12 8.79
CA GLN A 367 27.21 -25.59 10.16
C GLN A 367 25.84 -26.06 10.67
N TYR A 368 24.78 -25.33 10.31
CA TYR A 368 23.42 -25.77 10.63
C TYR A 368 23.15 -27.15 10.04
N TYR A 369 23.43 -27.33 8.74
CA TYR A 369 23.25 -28.63 8.09
C TYR A 369 24.01 -29.72 8.80
N LEU A 370 25.27 -29.44 9.18
CA LEU A 370 26.05 -30.47 9.86
C LEU A 370 25.44 -30.86 11.19
N GLN A 371 24.84 -29.91 11.89
CA GLN A 371 24.38 -30.17 13.24
C GLN A 371 23.01 -30.89 13.26
N TYR A 372 22.17 -30.67 12.24
CA TYR A 372 20.86 -31.32 12.27
C TYR A 372 20.73 -32.45 11.25
N LYS A 373 21.87 -32.93 10.73
CA LYS A 373 21.83 -33.92 9.63
C LYS A 373 21.15 -35.22 10.02
N ASP A 374 21.09 -35.52 11.30
CA ASP A 374 20.47 -36.77 11.77
C ASP A 374 19.00 -36.62 12.16
N LEU A 375 18.42 -35.44 12.01
CA LEU A 375 16.99 -35.30 12.22
C LEU A 375 16.22 -35.86 11.03
N PRO A 376 14.93 -36.14 11.21
CA PRO A 376 14.08 -36.43 10.05
C PRO A 376 14.21 -35.35 9.00
N VAL A 377 14.24 -35.78 7.75
CA VAL A 377 14.48 -34.86 6.64
C VAL A 377 13.54 -33.65 6.69
N SER A 378 12.31 -33.84 7.14
CA SER A 378 11.35 -32.73 7.14
C SER A 378 11.71 -31.64 8.16
N LEU A 379 12.49 -31.99 9.17
CA LEU A 379 12.89 -31.06 10.22
C LEU A 379 14.30 -30.51 10.02
N ARG A 380 14.91 -30.79 8.88
CA ARG A 380 16.24 -30.26 8.54
C ARG A 380 16.04 -28.88 7.97
N ARG A 381 15.75 -27.96 8.89
CA ARG A 381 15.41 -26.58 8.61
C ARG A 381 15.79 -25.76 9.84
N GLY A 382 15.82 -24.45 9.67
CA GLY A 382 16.02 -23.58 10.81
C GLY A 382 14.76 -23.54 11.65
N ALA A 383 14.89 -23.14 12.91
CA ALA A 383 13.68 -22.99 13.74
C ALA A 383 12.67 -22.10 13.03
N ASN A 384 13.12 -21.04 12.42
CA ASN A 384 12.44 -20.41 11.30
C ASN A 384 13.50 -20.02 10.27
N PRO A 385 13.12 -19.57 9.08
CA PRO A 385 14.15 -19.28 8.08
C PRO A 385 15.11 -18.18 8.51
N GLY A 386 14.66 -17.26 9.36
CA GLY A 386 15.54 -16.23 9.86
C GLY A 386 16.64 -16.76 10.77
N PHE A 387 16.38 -17.85 11.48
CA PHE A 387 17.45 -18.46 12.28
C PHE A 387 18.58 -18.90 11.38
N HIS A 388 18.24 -19.58 10.26
CA HIS A 388 19.28 -20.06 9.36
C HIS A 388 20.13 -18.89 8.84
N GLU A 389 19.51 -17.76 8.52
CA GLU A 389 20.24 -16.63 8.00
C GLU A 389 21.11 -15.94 9.06
N ALA A 390 20.81 -16.14 10.33
CA ALA A 390 21.53 -15.35 11.37
C ALA A 390 22.81 -15.99 11.84
N ILE A 391 22.97 -17.31 11.66
CA ILE A 391 24.05 -18.03 12.32
C ILE A 391 25.41 -17.47 11.92
N GLY A 392 25.69 -17.45 10.62
CA GLY A 392 27.00 -16.98 10.17
C GLY A 392 27.23 -15.52 10.43
N ASP A 393 26.18 -14.70 10.33
CA ASP A 393 26.28 -13.28 10.64
C ASP A 393 26.70 -13.04 12.09
N VAL A 394 26.19 -13.85 13.02
CA VAL A 394 26.52 -13.66 14.43
C VAL A 394 28.01 -13.86 14.63
N LEU A 395 28.57 -14.93 14.05
CA LEU A 395 30.03 -15.11 14.16
C LEU A 395 30.77 -13.96 13.51
N ALA A 396 30.24 -13.46 12.36
CA ALA A 396 30.94 -12.40 11.67
C ALA A 396 30.93 -11.13 12.49
N LEU A 397 29.94 -10.98 13.38
CA LEU A 397 29.96 -9.80 14.26
C LEU A 397 31.19 -9.83 15.14
N SER A 398 31.60 -10.99 15.56
CA SER A 398 32.82 -11.07 16.39
C SER A 398 34.05 -10.90 15.51
N VAL A 399 34.03 -11.52 14.35
CA VAL A 399 35.21 -11.47 13.47
C VAL A 399 35.54 -10.03 13.08
N SER A 400 34.52 -9.19 12.86
N SER A 400 34.51 -9.20 12.87
CA SER A 400 34.77 -7.85 12.37
CA SER A 400 34.69 -7.84 12.39
C SER A 400 35.28 -6.89 13.44
C SER A 400 35.35 -6.93 13.43
N THR A 401 35.28 -7.28 14.71
CA THR A 401 35.76 -6.38 15.73
C THR A 401 37.24 -6.06 15.50
N PRO A 402 37.66 -4.82 15.72
CA PRO A 402 39.10 -4.51 15.58
C PRO A 402 39.98 -5.44 16.40
N GLU A 403 39.53 -5.83 17.59
CA GLU A 403 40.34 -6.72 18.42
C GLU A 403 40.52 -8.08 17.73
N HIS A 404 39.44 -8.60 17.12
CA HIS A 404 39.60 -9.90 16.48
C HIS A 404 40.44 -9.77 15.22
N LEU A 405 40.18 -8.73 14.41
CA LEU A 405 41.01 -8.52 13.22
C LEU A 405 42.49 -8.46 13.57
N HIS A 406 42.82 -7.85 14.69
CA HIS A 406 44.22 -7.85 15.11
C HIS A 406 44.72 -9.26 15.34
N LYS A 407 43.91 -10.10 16.00
CA LYS A 407 44.34 -11.45 16.33
C LYS A 407 44.66 -12.27 15.08
N ILE A 408 43.93 -12.06 13.99
CA ILE A 408 44.15 -12.81 12.76
C ILE A 408 45.03 -12.04 11.77
N GLY A 409 45.74 -11.01 12.25
CA GLY A 409 46.80 -10.39 11.46
C GLY A 409 46.32 -9.42 10.40
N LEU A 410 45.06 -8.95 10.50
CA LEU A 410 44.48 -8.05 9.50
C LEU A 410 44.44 -6.59 9.97
N LEU A 411 44.93 -6.29 11.17
CA LEU A 411 44.86 -4.94 11.70
C LEU A 411 45.97 -4.85 12.74
N ASP A 412 47.08 -4.25 12.34
CA ASP A 412 48.21 -4.14 13.27
C ASP A 412 47.91 -3.19 14.42
N ARG A 413 47.33 -2.04 14.11
CA ARG A 413 47.16 -1.00 15.12
C ARG A 413 45.94 -1.31 15.98
N VAL A 414 46.12 -1.25 17.30
CA VAL A 414 45.08 -1.50 18.27
C VAL A 414 44.75 -0.18 18.96
N THR A 415 43.46 0.16 19.03
CA THR A 415 43.03 1.36 19.71
C THR A 415 41.71 1.09 20.42
N ASN A 416 41.52 1.73 21.57
CA ASN A 416 40.23 1.67 22.28
C ASN A 416 39.94 3.09 22.73
N ASP A 417 39.30 3.88 21.87
CA ASP A 417 38.94 5.26 22.19
C ASP A 417 37.60 5.57 21.51
N THR A 418 37.01 6.70 21.90
CA THR A 418 35.66 7.01 21.46
C THR A 418 35.62 7.21 19.93
N GLU A 419 36.67 7.80 19.35
CA GLU A 419 36.65 8.02 17.90
C GLU A 419 36.70 6.70 17.16
N SER A 420 37.57 5.79 17.59
CA SER A 420 37.65 4.48 16.96
C SER A 420 36.34 3.72 17.08
N ASP A 421 35.65 3.88 18.23
CA ASP A 421 34.35 3.23 18.40
C ASP A 421 33.32 3.78 17.41
N ILE A 422 33.30 5.11 17.22
CA ILE A 422 32.36 5.69 16.27
C ILE A 422 32.66 5.18 14.86
N ASN A 423 33.94 5.16 14.48
CA ASN A 423 34.31 4.63 13.17
C ASN A 423 33.76 3.23 12.99
N TYR A 424 33.99 2.36 13.99
CA TYR A 424 33.59 0.97 13.83
C TYR A 424 32.06 0.86 13.76
N LEU A 425 31.38 1.56 14.66
CA LEU A 425 29.92 1.46 14.70
C LEU A 425 29.29 2.06 13.44
N LEU A 426 29.92 3.09 12.88
CA LEU A 426 29.42 3.64 11.61
C LEU A 426 29.61 2.64 10.49
N LYS A 427 30.79 2.02 10.42
CA LYS A 427 31.01 0.99 9.40
C LYS A 427 29.98 -0.13 9.56
N MET A 428 29.74 -0.59 10.80
CA MET A 428 28.73 -1.62 11.02
C MET A 428 27.31 -1.13 10.67
N ALA A 429 27.01 0.14 10.91
CA ALA A 429 25.71 0.67 10.55
C ALA A 429 25.52 0.68 9.04
N LEU A 430 26.58 1.00 8.28
CA LEU A 430 26.49 0.97 6.81
C LEU A 430 26.14 -0.42 6.31
N GLU A 431 26.58 -1.45 7.04
CA GLU A 431 26.28 -2.82 6.65
C GLU A 431 24.93 -3.30 7.17
N LYS A 432 24.57 -2.96 8.39
CA LYS A 432 23.42 -3.54 9.08
C LYS A 432 22.20 -2.63 9.05
N ILE A 433 22.35 -1.36 9.46
N ILE A 433 22.35 -1.36 9.41
CA ILE A 433 21.20 -0.47 9.50
CA ILE A 433 21.20 -0.47 9.52
C ILE A 433 20.71 -0.17 8.10
C ILE A 433 20.71 -0.05 8.13
N ALA A 434 21.64 0.15 7.18
CA ALA A 434 21.25 0.49 5.81
C ALA A 434 20.44 -0.63 5.15
N PHE A 435 20.68 -1.87 5.50
CA PHE A 435 19.97 -3.00 4.93
C PHE A 435 18.52 -3.05 5.40
N LEU A 436 18.22 -2.60 6.61
CA LEU A 436 16.93 -2.87 7.22
C LEU A 436 15.75 -2.50 6.33
N PRO A 437 15.69 -1.30 5.77
CA PRO A 437 14.56 -0.98 4.86
C PRO A 437 14.44 -1.91 3.66
N PHE A 438 15.55 -2.35 3.10
CA PHE A 438 15.53 -3.25 1.96
C PHE A 438 15.09 -4.63 2.37
N GLY A 439 15.61 -5.15 3.45
CA GLY A 439 15.18 -6.42 3.95
C GLY A 439 13.69 -6.46 4.25
N TYR A 440 13.11 -5.31 4.67
CA TYR A 440 11.69 -5.21 4.99
C TYR A 440 10.86 -5.12 3.71
N LEU A 441 11.31 -4.34 2.74
CA LEU A 441 10.42 -3.97 1.62
C LEU A 441 10.28 -5.06 0.55
N VAL A 442 11.29 -5.91 0.34
CA VAL A 442 11.29 -6.80 -0.81
C VAL A 442 10.03 -7.67 -0.77
N ASP A 443 9.78 -8.32 0.36
CA ASP A 443 8.58 -9.16 0.42
C ASP A 443 7.30 -8.39 0.66
N GLN A 444 7.35 -7.12 1.08
CA GLN A 444 6.14 -6.34 0.98
C GLN A 444 5.72 -6.23 -0.49
N TRP A 445 6.70 -6.00 -1.38
CA TRP A 445 6.40 -5.94 -2.82
C TRP A 445 5.85 -7.30 -3.29
N ARG A 446 6.53 -8.40 -2.94
N ARG A 446 6.51 -8.38 -2.91
CA ARG A 446 6.10 -9.69 -3.43
CA ARG A 446 6.14 -9.69 -3.39
C ARG A 446 4.79 -10.14 -2.82
C ARG A 446 4.84 -10.19 -2.79
N TRP A 447 4.56 -9.86 -1.53
CA TRP A 447 3.26 -10.20 -0.94
C TRP A 447 2.15 -9.50 -1.71
N GLY A 448 2.38 -8.24 -2.13
CA GLY A 448 1.38 -7.54 -2.91
C GLY A 448 1.18 -8.14 -4.28
N VAL A 449 2.26 -8.62 -4.90
CA VAL A 449 2.14 -9.28 -6.19
C VAL A 449 1.35 -10.58 -6.04
N PHE A 450 1.68 -11.38 -5.02
CA PHE A 450 0.96 -12.64 -4.87
C PHE A 450 -0.50 -12.43 -4.53
N SER A 451 -0.81 -11.42 -3.75
CA SER A 451 -2.18 -11.18 -3.34
C SER A 451 -3.01 -10.53 -4.45
N GLY A 452 -2.36 -10.06 -5.50
CA GLY A 452 -3.07 -9.34 -6.58
C GLY A 452 -3.22 -7.85 -6.36
N ARG A 453 -2.78 -7.33 -5.22
CA ARG A 453 -2.82 -5.89 -5.03
C ARG A 453 -1.91 -5.16 -6.03
N THR A 454 -0.83 -5.81 -6.46
CA THR A 454 0.10 -5.31 -7.44
C THR A 454 0.04 -6.18 -8.69
N PRO A 455 -0.80 -5.82 -9.66
CA PRO A 455 -0.82 -6.54 -10.92
C PRO A 455 0.40 -6.21 -11.75
N PRO A 456 0.62 -6.96 -12.83
CA PRO A 456 1.77 -6.67 -13.70
C PRO A 456 1.86 -5.23 -14.18
N SER A 457 0.71 -4.57 -14.36
CA SER A 457 0.68 -3.18 -14.78
C SER A 457 1.24 -2.21 -13.75
N ARG A 458 1.53 -2.67 -12.54
CA ARG A 458 2.11 -1.81 -11.51
C ARG A 458 3.33 -2.46 -10.86
N TYR A 459 3.95 -3.47 -11.49
CA TYR A 459 5.12 -4.10 -10.86
C TYR A 459 6.19 -3.04 -10.51
N ASN A 460 6.55 -2.19 -11.49
CA ASN A 460 7.66 -1.27 -11.27
C ASN A 460 7.24 -0.04 -10.49
N PHE A 461 6.03 0.44 -10.74
CA PHE A 461 5.44 1.54 -9.98
C PHE A 461 5.45 1.23 -8.49
N ASP A 462 4.99 0.02 -8.13
CA ASP A 462 4.90 -0.34 -6.72
C ASP A 462 6.29 -0.67 -6.15
N TRP A 463 7.20 -1.22 -6.97
CA TRP A 463 8.56 -1.44 -6.51
C TRP A 463 9.20 -0.12 -6.12
N TRP A 464 9.15 0.88 -6.99
CA TRP A 464 9.80 2.14 -6.68
C TRP A 464 9.06 2.94 -5.64
N TYR A 465 7.75 2.77 -5.53
CA TYR A 465 7.05 3.34 -4.40
C TYR A 465 7.69 2.83 -3.09
N LEU A 466 7.90 1.53 -2.98
CA LEU A 466 8.45 0.96 -1.75
C LEU A 466 9.90 1.35 -1.54
N ARG A 467 10.68 1.34 -2.61
CA ARG A 467 12.09 1.69 -2.53
C ARG A 467 12.25 3.13 -2.04
N THR A 468 11.44 4.04 -2.55
CA THR A 468 11.50 5.42 -2.06
C THR A 468 10.95 5.51 -0.64
N LYS A 469 9.80 4.89 -0.38
CA LYS A 469 9.21 4.96 0.95
C LYS A 469 10.17 4.53 2.05
N TYR A 470 10.81 3.38 1.89
CA TYR A 470 11.63 2.79 2.94
C TYR A 470 13.11 3.20 2.82
N GLN A 471 13.70 3.01 1.64
CA GLN A 471 15.12 3.31 1.53
C GLN A 471 15.44 4.75 1.23
N GLY A 472 14.48 5.53 0.71
CA GLY A 472 14.75 6.91 0.40
C GLY A 472 15.73 7.05 -0.74
N ILE A 473 15.59 6.24 -1.77
CA ILE A 473 16.42 6.29 -2.97
C ILE A 473 15.48 6.46 -4.17
N CYS A 474 16.07 6.85 -5.29
CA CYS A 474 15.33 7.04 -6.53
C CYS A 474 16.15 6.45 -7.67
N PRO A 475 15.50 5.98 -8.73
CA PRO A 475 16.25 5.48 -9.87
C PRO A 475 17.00 6.62 -10.54
N PRO A 476 18.24 6.39 -10.96
CA PRO A 476 19.03 7.47 -11.57
C PRO A 476 18.73 7.72 -13.04
N VAL A 477 17.97 6.84 -13.70
CA VAL A 477 17.38 7.10 -15.00
C VAL A 477 15.88 6.81 -14.89
N THR A 478 15.13 7.36 -15.85
CA THR A 478 13.68 7.17 -15.84
C THR A 478 13.32 5.70 -16.06
N ARG A 479 12.32 5.24 -15.33
CA ARG A 479 11.82 3.88 -15.46
C ARG A 479 10.34 3.93 -15.82
N ASN A 480 9.86 2.89 -16.52
CA ASN A 480 8.45 2.72 -16.80
C ASN A 480 8.12 1.22 -16.65
N GLU A 481 6.90 0.85 -16.99
CA GLU A 481 6.44 -0.51 -16.71
C GLU A 481 6.96 -1.54 -17.69
N THR A 482 7.76 -1.12 -18.66
N THR A 482 7.77 -1.15 -18.67
CA THR A 482 8.54 -2.09 -19.43
CA THR A 482 8.51 -2.15 -19.41
C THR A 482 9.69 -2.61 -18.59
C THR A 482 9.70 -2.63 -18.60
N HIS A 483 10.21 -1.79 -17.70
CA HIS A 483 11.23 -2.21 -16.78
C HIS A 483 10.63 -3.03 -15.66
N PHE A 484 11.45 -3.93 -15.14
CA PHE A 484 11.02 -4.86 -14.09
C PHE A 484 12.19 -4.94 -13.13
N ASP A 485 12.38 -3.86 -12.35
CA ASP A 485 13.60 -3.70 -11.60
C ASP A 485 13.64 -4.65 -10.43
N ALA A 486 12.49 -5.06 -9.88
CA ALA A 486 12.49 -6.13 -8.89
C ALA A 486 13.14 -7.41 -9.44
N GLY A 487 13.01 -7.66 -10.73
CA GLY A 487 13.56 -8.87 -11.32
C GLY A 487 15.06 -8.86 -11.38
N ALA A 488 15.69 -7.71 -11.23
CA ALA A 488 17.14 -7.59 -11.27
C ALA A 488 17.79 -7.90 -9.92
N LYS A 489 17.01 -8.38 -8.96
CA LYS A 489 17.50 -8.86 -7.67
C LYS A 489 17.33 -10.37 -7.64
N PHE A 490 18.42 -11.08 -7.39
CA PHE A 490 18.49 -12.55 -7.46
C PHE A 490 17.25 -13.27 -6.91
N HIS A 491 16.83 -12.92 -5.71
CA HIS A 491 15.82 -13.67 -4.99
C HIS A 491 14.46 -13.68 -5.69
N VAL A 492 14.17 -12.69 -6.50
CA VAL A 492 12.88 -12.61 -7.22
C VAL A 492 12.82 -13.69 -8.28
N PRO A 493 13.67 -13.69 -9.32
CA PRO A 493 13.61 -14.81 -10.26
C PRO A 493 13.95 -16.16 -9.68
N ASN A 494 14.73 -16.24 -8.62
N ASN A 494 14.74 -16.21 -8.62
CA ASN A 494 15.01 -17.55 -8.03
CA ASN A 494 15.06 -17.48 -7.97
C ASN A 494 14.01 -17.90 -6.93
C ASN A 494 13.96 -17.95 -7.03
N VAL A 495 12.94 -17.14 -6.80
CA VAL A 495 11.83 -17.47 -5.90
C VAL A 495 12.34 -17.86 -4.52
N THR A 496 13.15 -17.01 -3.95
CA THR A 496 13.71 -17.16 -2.59
C THR A 496 13.07 -16.08 -1.72
N PRO A 497 12.31 -16.41 -0.67
CA PRO A 497 11.75 -15.35 0.18
C PRO A 497 12.81 -14.51 0.85
N TYR A 498 12.40 -13.32 1.23
CA TYR A 498 13.34 -12.29 1.68
C TYR A 498 13.09 -11.80 3.08
N ILE A 499 11.89 -11.96 3.64
CA ILE A 499 11.64 -11.40 4.96
C ILE A 499 12.53 -12.05 6.01
N ARG A 500 12.98 -13.26 5.75
CA ARG A 500 13.97 -13.94 6.59
C ARG A 500 15.18 -13.07 6.89
N TYR A 501 15.57 -12.19 5.97
CA TYR A 501 16.77 -11.38 6.21
C TYR A 501 16.46 -10.19 7.09
N PHE A 502 15.28 -9.59 6.99
CA PHE A 502 14.90 -8.61 8.00
C PHE A 502 14.87 -9.25 9.39
N VAL A 503 14.26 -10.44 9.50
CA VAL A 503 14.18 -11.16 10.75
C VAL A 503 15.60 -11.44 11.27
N SER A 504 16.47 -11.91 10.39
N SER A 504 16.49 -11.88 10.39
CA SER A 504 17.81 -12.29 10.80
CA SER A 504 17.81 -12.30 10.82
C SER A 504 18.59 -11.08 11.30
C SER A 504 18.70 -11.12 11.20
N PHE A 505 18.44 -9.93 10.64
CA PHE A 505 19.22 -8.75 11.06
C PHE A 505 18.82 -8.29 12.44
N VAL A 506 17.59 -8.53 12.86
CA VAL A 506 17.21 -8.28 14.22
C VAL A 506 17.72 -9.38 15.13
N LEU A 507 17.45 -10.64 14.75
CA LEU A 507 17.77 -11.79 15.58
C LEU A 507 19.26 -11.85 15.85
N GLN A 508 20.08 -11.55 14.86
CA GLN A 508 21.51 -11.78 15.09
C GLN A 508 22.05 -10.96 16.27
N PHE A 509 21.47 -9.80 16.55
CA PHE A 509 21.90 -9.04 17.70
C PHE A 509 21.35 -9.62 19.01
N GLN A 510 20.14 -10.21 18.98
CA GLN A 510 19.71 -10.97 20.14
C GLN A 510 20.64 -12.13 20.41
N PHE A 511 21.01 -12.87 19.36
CA PHE A 511 21.93 -13.99 19.50
C PHE A 511 23.28 -13.52 20.03
N HIS A 512 23.83 -12.46 19.42
CA HIS A 512 25.12 -11.92 19.83
C HIS A 512 25.13 -11.57 21.29
N GLU A 513 24.09 -10.85 21.74
CA GLU A 513 24.01 -10.49 23.15
C GLU A 513 24.01 -11.71 24.05
N ALA A 514 23.23 -12.74 23.68
CA ALA A 514 23.13 -13.93 24.51
C ALA A 514 24.44 -14.71 24.56
N LEU A 515 25.10 -14.85 23.42
CA LEU A 515 26.35 -15.60 23.36
C LEU A 515 27.45 -14.87 24.09
N CYS A 516 27.50 -13.55 23.93
CA CYS A 516 28.49 -12.77 24.65
C CYS A 516 28.32 -12.92 26.16
N LYS A 517 27.08 -12.89 26.64
CA LYS A 517 26.84 -13.11 28.06
C LYS A 517 27.26 -14.51 28.46
N GLU A 518 26.90 -15.53 27.66
CA GLU A 518 27.30 -16.88 27.98
C GLU A 518 28.81 -17.02 27.97
N ALA A 519 29.50 -16.24 27.16
CA ALA A 519 30.95 -16.32 27.09
C ALA A 519 31.62 -15.67 28.29
N GLY A 520 30.84 -15.02 29.15
CA GLY A 520 31.43 -14.30 30.28
C GLY A 520 31.94 -12.93 29.95
N TYR A 521 31.58 -12.39 28.80
CA TYR A 521 32.07 -11.08 28.40
C TYR A 521 31.28 -9.98 29.11
N GLU A 522 32.00 -8.98 29.63
CA GLU A 522 31.41 -7.93 30.47
C GLU A 522 31.85 -6.53 30.03
N GLY A 523 31.96 -6.31 28.74
CA GLY A 523 32.23 -5.01 28.19
C GLY A 523 31.16 -4.57 27.21
N PRO A 524 31.42 -3.51 26.46
CA PRO A 524 30.45 -3.03 25.48
C PRO A 524 30.05 -4.12 24.50
N LEU A 525 28.77 -4.18 24.17
CA LEU A 525 28.29 -5.26 23.32
C LEU A 525 29.02 -5.29 21.98
N HIS A 526 29.37 -4.13 21.43
CA HIS A 526 29.95 -4.06 20.10
C HIS A 526 31.45 -4.36 20.08
N GLN A 527 32.09 -4.57 21.25
CA GLN A 527 33.47 -5.03 21.30
C GLN A 527 33.58 -6.50 21.70
N CYS A 528 32.47 -7.19 21.86
CA CYS A 528 32.50 -8.60 22.22
C CYS A 528 33.04 -9.44 21.06
N ASP A 529 33.90 -10.40 21.41
CA ASP A 529 34.39 -11.41 20.47
C ASP A 529 34.23 -12.75 21.17
N ILE A 530 33.38 -13.64 20.61
CA ILE A 530 33.16 -14.93 21.25
C ILE A 530 34.18 -15.99 20.82
N TYR A 531 35.17 -15.62 20.00
CA TYR A 531 36.23 -16.54 19.59
C TYR A 531 36.75 -17.35 20.77
N ARG A 532 36.82 -18.66 20.56
CA ARG A 532 37.37 -19.63 21.50
C ARG A 532 36.50 -19.81 22.74
N SER A 533 35.26 -19.32 22.73
CA SER A 533 34.36 -19.56 23.87
C SER A 533 33.60 -20.86 23.62
N THR A 534 34.02 -21.92 24.30
CA THR A 534 33.31 -23.19 24.16
C THR A 534 31.93 -23.13 24.81
N LYS A 535 31.78 -22.31 25.86
CA LYS A 535 30.44 -22.09 26.43
C LYS A 535 29.49 -21.47 25.40
N ALA A 536 29.94 -20.39 24.74
CA ALA A 536 29.10 -19.81 23.67
C ALA A 536 28.81 -20.85 22.62
N GLY A 537 29.82 -21.63 22.25
CA GLY A 537 29.60 -22.65 21.22
C GLY A 537 28.54 -23.67 21.61
N ALA A 538 28.53 -24.10 22.86
CA ALA A 538 27.56 -25.08 23.32
C ALA A 538 26.14 -24.51 23.29
N LYS A 539 25.98 -23.24 23.65
CA LYS A 539 24.66 -22.62 23.56
C LYS A 539 24.19 -22.50 22.11
N LEU A 540 25.09 -22.09 21.20
CA LEU A 540 24.73 -22.04 19.79
C LEU A 540 24.43 -23.43 19.25
N ARG A 541 25.18 -24.43 19.71
N ARG A 541 25.18 -24.43 19.70
CA ARG A 541 24.99 -25.78 19.20
CA ARG A 541 24.99 -25.78 19.20
C ARG A 541 23.60 -26.30 19.52
C ARG A 541 23.59 -26.29 19.51
N LYS A 542 23.07 -25.97 20.70
CA LYS A 542 21.72 -26.38 21.04
C LYS A 542 20.70 -25.89 20.03
N VAL A 543 20.81 -24.63 19.59
CA VAL A 543 19.91 -24.10 18.57
C VAL A 543 20.07 -24.90 17.29
N LEU A 544 21.32 -25.11 16.85
CA LEU A 544 21.52 -25.71 15.53
C LEU A 544 20.97 -27.13 15.48
N ARG A 545 21.18 -27.88 16.56
CA ARG A 545 20.76 -29.28 16.57
C ARG A 545 19.25 -29.44 16.64
N ALA A 546 18.52 -28.40 17.06
CA ALA A 546 17.05 -28.51 17.12
C ALA A 546 16.40 -28.50 15.75
N GLY A 547 17.05 -27.95 14.73
CA GLY A 547 16.40 -27.83 13.45
C GLY A 547 15.06 -27.13 13.62
N SER A 548 14.04 -27.62 12.90
CA SER A 548 12.67 -27.14 13.06
C SER A 548 11.83 -28.10 13.87
N SER A 549 12.45 -28.84 14.77
CA SER A 549 11.73 -29.81 15.58
C SER A 549 10.87 -29.17 16.65
N ARG A 550 11.15 -27.94 17.03
CA ARG A 550 10.43 -27.26 18.09
C ARG A 550 10.05 -25.86 17.65
N PRO A 551 8.96 -25.29 18.20
CA PRO A 551 8.58 -23.93 17.82
C PRO A 551 9.71 -22.96 18.04
N TRP A 552 9.89 -22.04 17.09
CA TRP A 552 11.04 -21.14 17.16
C TRP A 552 10.93 -20.21 18.37
N GLN A 553 9.71 -19.86 18.78
CA GLN A 553 9.55 -19.00 19.96
C GLN A 553 10.16 -19.65 21.20
N GLU A 554 10.03 -20.98 21.33
CA GLU A 554 10.58 -21.70 22.46
C GLU A 554 12.09 -21.88 22.35
N VAL A 555 12.58 -22.15 21.14
CA VAL A 555 14.03 -22.24 20.93
C VAL A 555 14.70 -20.90 21.25
N LEU A 556 14.07 -19.80 20.82
CA LEU A 556 14.58 -18.46 21.10
C LEU A 556 14.58 -18.19 22.61
N LYS A 557 13.48 -18.52 23.29
CA LYS A 557 13.42 -18.30 24.73
C LYS A 557 14.55 -19.03 25.44
N ASP A 558 14.82 -20.27 25.05
CA ASP A 558 15.89 -21.03 25.67
C ASP A 558 17.24 -20.37 25.44
N MET A 559 17.40 -19.72 24.28
CA MET A 559 18.71 -19.18 23.93
C MET A 559 18.92 -17.81 24.55
N VAL A 560 17.94 -16.92 24.43
CA VAL A 560 18.12 -15.52 24.77
C VAL A 560 17.21 -15.06 25.89
N GLY A 561 16.29 -15.89 26.36
CA GLY A 561 15.44 -15.54 27.48
C GLY A 561 14.19 -14.80 27.12
N LEU A 562 13.87 -14.70 25.84
CA LEU A 562 12.69 -14.02 25.35
C LEU A 562 12.11 -14.85 24.23
N ASP A 563 10.78 -14.85 24.11
CA ASP A 563 10.11 -15.68 23.10
C ASP A 563 9.68 -14.89 21.88
N ALA A 564 10.31 -13.75 21.61
CA ALA A 564 9.89 -12.87 20.53
C ALA A 564 11.08 -12.14 19.95
N LEU A 565 10.93 -11.71 18.70
CA LEU A 565 11.88 -10.78 18.12
C LEU A 565 11.87 -9.47 18.91
N ASP A 566 13.04 -8.92 19.15
CA ASP A 566 13.19 -7.73 19.99
C ASP A 566 14.31 -6.89 19.38
N ALA A 567 14.04 -5.60 19.19
CA ALA A 567 15.03 -4.69 18.60
C ALA A 567 16.00 -4.13 19.63
N GLN A 568 15.75 -4.33 20.92
CA GLN A 568 16.58 -3.70 21.94
C GLN A 568 18.04 -4.09 21.81
N PRO A 569 18.41 -5.34 21.51
CA PRO A 569 19.85 -5.65 21.43
C PRO A 569 20.52 -4.94 20.28
N LEU A 570 19.86 -4.80 19.14
CA LEU A 570 20.41 -4.02 18.04
C LEU A 570 20.57 -2.56 18.47
N LEU A 571 19.53 -1.99 19.09
CA LEU A 571 19.62 -0.60 19.54
C LEU A 571 20.76 -0.41 20.53
N LYS A 572 20.93 -1.35 21.45
CA LYS A 572 22.01 -1.29 22.42
C LYS A 572 23.37 -1.39 21.77
N TYR A 573 23.51 -2.28 20.78
CA TYR A 573 24.76 -2.38 20.05
C TYR A 573 25.15 -1.04 19.46
N PHE A 574 24.20 -0.34 18.83
CA PHE A 574 24.49 0.85 18.06
C PHE A 574 24.36 2.15 18.82
N GLN A 575 24.02 2.11 20.11
CA GLN A 575 23.57 3.32 20.79
C GLN A 575 24.56 4.49 20.68
N LEU A 576 25.87 4.23 20.78
CA LEU A 576 26.84 5.34 20.70
C LEU A 576 26.78 6.07 19.37
N VAL A 577 26.66 5.34 18.26
CA VAL A 577 26.64 6.00 16.95
C VAL A 577 25.24 6.52 16.60
N THR A 578 24.21 5.92 17.16
CA THR A 578 22.87 6.47 17.01
C THR A 578 22.84 7.87 17.59
N GLN A 579 23.38 8.01 18.80
CA GLN A 579 23.47 9.33 19.43
C GLN A 579 24.37 10.25 18.63
N TRP A 580 25.52 9.75 18.18
CA TRP A 580 26.47 10.61 17.48
C TRP A 580 25.90 11.11 16.16
N LEU A 581 25.27 10.21 15.38
CA LEU A 581 24.68 10.63 14.10
C LEU A 581 23.56 11.66 14.30
N GLN A 582 22.73 11.46 15.32
CA GLN A 582 21.68 12.42 15.61
C GLN A 582 22.26 13.80 15.90
N GLU A 583 23.32 13.85 16.69
CA GLU A 583 23.95 15.13 17.00
C GLU A 583 24.58 15.76 15.78
N GLN A 584 25.26 14.95 14.96
CA GLN A 584 25.92 15.48 13.77
C GLN A 584 24.89 16.06 12.79
N ASN A 585 23.79 15.37 12.57
CA ASN A 585 22.79 15.88 11.64
C ASN A 585 22.14 17.16 12.14
N GLN A 586 21.91 17.26 13.46
CA GLN A 586 21.35 18.48 14.02
C GLN A 586 22.32 19.64 13.89
N GLN A 587 23.60 19.40 14.15
CA GLN A 587 24.61 20.43 13.98
C GLN A 587 24.71 20.87 12.53
N ASN A 588 24.59 19.94 11.59
CA ASN A 588 24.67 20.25 10.17
C ASN A 588 23.36 20.80 9.62
N GLY A 589 22.30 20.86 10.43
CA GLY A 589 21.01 21.32 9.94
C GLY A 589 20.37 20.43 8.90
N GLU A 590 20.58 19.13 8.99
CA GLU A 590 20.02 18.25 7.99
C GLU A 590 18.51 18.21 8.10
N VAL A 591 17.87 17.93 6.96
CA VAL A 591 16.48 17.50 6.95
C VAL A 591 16.48 15.98 6.99
N LEU A 592 15.85 15.40 8.01
CA LEU A 592 15.74 13.96 8.08
C LEU A 592 14.60 13.52 7.14
N GLY A 593 14.87 12.55 6.31
CA GLY A 593 13.89 12.14 5.32
C GLY A 593 14.16 12.81 3.98
N TRP A 594 13.19 12.59 3.08
CA TRP A 594 13.32 13.02 1.69
C TRP A 594 12.01 13.65 1.25
N PRO A 595 11.70 14.85 1.77
CA PRO A 595 10.40 15.48 1.41
C PRO A 595 10.25 15.82 -0.06
N GLU A 596 11.34 16.02 -0.81
CA GLU A 596 11.25 16.17 -2.27
C GLU A 596 11.22 14.78 -2.91
N TYR A 597 10.13 14.07 -2.65
CA TYR A 597 10.00 12.67 -3.02
C TYR A 597 9.95 12.46 -4.53
N GLN A 598 9.65 13.49 -5.29
CA GLN A 598 9.54 13.41 -6.72
C GLN A 598 10.86 13.61 -7.43
N TRP A 599 11.90 13.97 -6.69
CA TRP A 599 13.16 14.38 -7.32
C TRP A 599 13.91 13.17 -7.87
N HIS A 600 14.46 13.36 -9.08
CA HIS A 600 15.35 12.41 -9.72
C HIS A 600 16.54 13.20 -10.28
N PRO A 601 17.75 12.64 -10.24
CA PRO A 601 18.91 13.37 -10.77
C PRO A 601 18.83 13.51 -12.27
N PRO A 602 19.46 14.52 -12.85
CA PRO A 602 19.56 14.61 -14.31
C PRO A 602 20.54 13.59 -14.86
N LEU A 603 20.43 13.36 -16.16
CA LEU A 603 21.42 12.52 -16.83
C LEU A 603 22.73 13.29 -16.99
N PRO A 604 23.86 12.62 -16.90
CA PRO A 604 25.13 13.30 -17.22
C PRO A 604 25.13 13.80 -18.65
N ASP A 605 25.76 14.95 -18.86
CA ASP A 605 26.01 15.40 -20.23
C ASP A 605 27.01 14.45 -20.86
N ASN A 606 26.74 14.04 -22.09
CA ASN A 606 27.60 13.11 -22.82
C ASN A 606 27.50 11.69 -22.27
N TYR A 607 26.31 11.34 -21.78
CA TYR A 607 26.01 9.99 -21.36
C TYR A 607 24.93 9.42 -22.27
N PRO A 608 25.04 8.14 -22.69
CA PRO A 608 26.10 7.18 -22.36
C PRO A 608 27.30 7.25 -23.30
N GLU A 609 27.33 8.30 -24.12
CA GLU A 609 28.27 8.33 -25.24
C GLU A 609 29.72 8.26 -24.77
N GLY A 610 30.03 8.83 -23.62
CA GLY A 610 31.41 8.95 -23.20
C GLY A 610 31.88 7.84 -22.28
N ILE A 611 31.19 6.70 -22.31
CA ILE A 611 31.53 5.64 -21.36
C ILE A 611 32.86 4.99 -21.71
N ASP A 612 33.25 5.03 -22.99
CA ASP A 612 34.56 4.51 -23.40
C ASP A 612 35.65 5.35 -22.72
N ASP B 2 -27.10 21.49 31.50
CA ASP B 2 -28.49 21.66 31.98
C ASP B 2 -29.02 20.40 32.68
N PRO B 3 -29.60 20.57 33.87
CA PRO B 3 -30.19 19.41 34.57
C PRO B 3 -31.21 18.64 33.75
N GLY B 4 -32.14 19.35 33.08
CA GLY B 4 -33.17 18.69 32.29
C GLY B 4 -32.66 17.91 31.09
N LEU B 5 -31.38 18.04 30.75
CA LEU B 5 -30.79 17.30 29.64
C LEU B 5 -29.95 16.11 30.09
N GLN B 6 -29.84 15.88 31.42
CA GLN B 6 -29.01 14.82 31.95
C GLN B 6 -29.86 13.61 32.28
N PRO B 7 -29.31 12.41 32.12
CA PRO B 7 -30.16 11.20 32.16
C PRO B 7 -30.69 10.90 33.55
N GLY B 8 -31.84 10.23 33.57
CA GLY B 8 -32.47 9.81 34.82
C GLY B 8 -32.08 8.40 35.19
N GLN B 9 -32.92 7.78 36.01
CA GLN B 9 -32.69 6.42 36.46
C GLN B 9 -33.51 5.46 35.61
N PHE B 10 -32.90 4.34 35.25
CA PHE B 10 -33.54 3.35 34.39
C PHE B 10 -33.08 1.97 34.81
N SER B 11 -33.99 1.00 34.66
CA SER B 11 -33.66 -0.39 34.98
C SER B 11 -32.63 -0.95 33.98
N ALA B 12 -31.77 -1.84 34.50
CA ALA B 12 -30.72 -2.46 33.70
C ALA B 12 -31.24 -3.71 32.99
N ASP B 13 -32.23 -3.47 32.11
CA ASP B 13 -32.85 -4.55 31.34
C ASP B 13 -33.51 -3.92 30.13
N GLU B 14 -33.93 -4.79 29.21
CA GLU B 14 -34.43 -4.33 27.91
C GLU B 14 -35.59 -3.36 28.04
N ALA B 15 -36.46 -3.57 29.02
CA ALA B 15 -37.62 -2.71 29.20
C ALA B 15 -37.20 -1.29 29.60
N GLY B 16 -36.30 -1.17 30.59
CA GLY B 16 -35.80 0.15 30.95
C GLY B 16 -34.96 0.76 29.86
N ALA B 17 -34.27 -0.06 29.07
CA ALA B 17 -33.48 0.46 27.96
C ALA B 17 -34.38 1.09 26.89
N GLN B 18 -35.61 0.59 26.75
CA GLN B 18 -36.55 1.20 25.80
C GLN B 18 -37.06 2.54 26.32
N LEU B 19 -37.28 2.64 27.62
CA LEU B 19 -37.55 3.95 28.22
C LEU B 19 -36.32 4.85 28.08
N PHE B 20 -35.14 4.31 28.39
CA PHE B 20 -33.91 5.08 28.34
C PHE B 20 -33.74 5.72 26.98
N ALA B 21 -33.86 4.91 25.93
CA ALA B 21 -33.72 5.42 24.56
C ALA B 21 -34.70 6.57 24.30
N GLN B 22 -35.93 6.45 24.79
CA GLN B 22 -36.94 7.48 24.51
C GLN B 22 -36.55 8.80 25.15
N SER B 23 -36.15 8.80 26.42
CA SER B 23 -35.74 10.05 27.05
C SER B 23 -34.41 10.56 26.49
N TYR B 24 -33.58 9.68 25.93
CA TYR B 24 -32.36 10.14 25.28
C TYR B 24 -32.67 10.94 24.03
N GLN B 25 -33.61 10.43 23.21
CA GLN B 25 -33.89 11.03 21.91
C GLN B 25 -34.80 12.23 22.00
N SER B 26 -35.56 12.37 23.07
CA SER B 26 -36.29 13.61 23.31
C SER B 26 -35.34 14.73 23.73
N SER B 27 -34.30 14.39 24.51
CA SER B 27 -33.35 15.39 24.95
C SER B 27 -32.33 15.71 23.87
N ALA B 28 -31.99 14.71 23.05
CA ALA B 28 -31.01 14.95 21.99
C ALA B 28 -31.55 15.95 20.98
N GLU B 29 -32.86 15.91 20.70
CA GLU B 29 -33.45 16.82 19.74
C GLU B 29 -33.08 18.27 20.05
N GLN B 30 -33.07 18.63 21.32
CA GLN B 30 -32.77 20.01 21.70
C GLN B 30 -31.30 20.33 21.52
N VAL B 31 -30.42 19.40 21.87
CA VAL B 31 -28.98 19.65 21.78
C VAL B 31 -28.56 19.77 20.31
N LEU B 32 -29.04 18.85 19.48
CA LEU B 32 -28.63 18.85 18.07
C LEU B 32 -29.06 20.14 17.38
N PHE B 33 -30.25 20.64 17.69
CA PHE B 33 -30.70 21.87 17.05
C PHE B 33 -29.78 23.03 17.37
N GLN B 34 -29.34 23.14 18.62
CA GLN B 34 -28.46 24.25 18.98
C GLN B 34 -27.13 24.16 18.26
N SER B 35 -26.60 22.94 18.10
CA SER B 35 -25.36 22.77 17.34
C SER B 35 -25.57 23.16 15.87
N VAL B 36 -26.59 22.59 15.22
CA VAL B 36 -26.78 22.87 13.80
C VAL B 36 -27.03 24.36 13.61
N ALA B 37 -27.86 24.95 14.46
CA ALA B 37 -28.13 26.38 14.37
C ALA B 37 -26.84 27.20 14.36
N ALA B 38 -25.92 26.91 15.28
CA ALA B 38 -24.68 27.67 15.36
C ALA B 38 -23.80 27.44 14.13
N SER B 39 -23.73 26.20 13.67
CA SER B 39 -22.96 25.92 12.45
C SER B 39 -23.53 26.68 11.25
N TRP B 40 -24.85 26.77 11.15
CA TRP B 40 -25.44 27.51 10.04
C TRP B 40 -25.03 28.98 10.11
N ALA B 41 -25.12 29.57 11.31
CA ALA B 41 -24.76 30.96 11.48
C ALA B 41 -23.32 31.23 11.04
N HIS B 42 -22.41 30.29 11.30
CA HIS B 42 -21.03 30.46 10.87
C HIS B 42 -20.87 30.29 9.36
N ASP B 43 -21.42 29.21 8.80
CA ASP B 43 -21.12 28.89 7.40
C ASP B 43 -21.78 29.85 6.42
N THR B 44 -22.82 30.55 6.84
CA THR B 44 -23.42 31.59 6.02
C THR B 44 -22.86 32.97 6.35
N ASN B 45 -21.84 33.04 7.22
CA ASN B 45 -21.36 34.32 7.75
C ASN B 45 -20.13 34.03 8.59
N ILE B 46 -18.99 33.81 7.93
CA ILE B 46 -17.78 33.36 8.61
C ILE B 46 -17.20 34.52 9.41
N THR B 47 -17.30 34.45 10.74
CA THR B 47 -16.71 35.43 11.64
C THR B 47 -16.16 34.70 12.85
N ALA B 48 -15.37 35.42 13.65
CA ALA B 48 -14.79 34.80 14.83
C ALA B 48 -15.86 34.56 15.90
N GLU B 49 -16.83 35.46 16.02
CA GLU B 49 -17.90 35.28 17.00
C GLU B 49 -18.73 34.05 16.68
N ASN B 50 -19.08 33.85 15.41
CA ASN B 50 -19.85 32.68 15.03
C ASN B 50 -19.01 31.43 15.17
N ALA B 51 -17.71 31.51 14.89
CA ALA B 51 -16.81 30.42 15.23
C ALA B 51 -16.81 30.18 16.73
N ARG B 52 -16.67 31.27 17.51
CA ARG B 52 -16.75 31.16 18.96
C ARG B 52 -18.07 30.54 19.40
N ARG B 53 -19.17 30.98 18.79
CA ARG B 53 -20.48 30.43 19.14
C ARG B 53 -20.56 28.96 18.76
N GLN B 54 -20.06 28.61 17.58
CA GLN B 54 -20.17 27.23 17.12
C GLN B 54 -19.35 26.31 18.02
N GLU B 55 -18.17 26.76 18.43
CA GLU B 55 -17.34 25.95 19.33
C GLU B 55 -18.00 25.79 20.70
N GLU B 56 -18.70 26.82 21.17
CA GLU B 56 -19.50 26.68 22.37
C GLU B 56 -20.50 25.54 22.24
N ALA B 57 -21.33 25.59 21.17
CA ALA B 57 -22.36 24.56 21.00
C ALA B 57 -21.73 23.18 20.85
N ALA B 58 -20.57 23.09 20.21
CA ALA B 58 -19.92 21.79 20.06
C ALA B 58 -19.54 21.22 21.43
N LEU B 59 -19.05 22.07 22.32
CA LEU B 59 -18.72 21.62 23.68
C LEU B 59 -19.96 21.13 24.41
N LEU B 60 -21.07 21.86 24.32
CA LEU B 60 -22.31 21.42 24.93
C LEU B 60 -22.74 20.06 24.39
N SER B 61 -22.54 19.82 23.09
CA SER B 61 -22.94 18.53 22.53
C SER B 61 -22.06 17.41 23.07
N GLN B 62 -20.78 17.70 23.31
CA GLN B 62 -19.91 16.68 23.89
C GLN B 62 -20.27 16.40 25.35
N GLU B 63 -20.58 17.44 26.12
CA GLU B 63 -21.07 17.22 27.48
C GLU B 63 -22.31 16.30 27.48
N PHE B 64 -23.26 16.57 26.58
CA PHE B 64 -24.46 15.75 26.50
C PHE B 64 -24.12 14.30 26.13
N ALA B 65 -23.27 14.11 25.11
CA ALA B 65 -22.89 12.75 24.72
C ALA B 65 -22.12 12.06 25.83
N GLU B 66 -21.32 12.81 26.58
CA GLU B 66 -20.61 12.24 27.72
C GLU B 66 -21.61 11.64 28.71
N ALA B 67 -22.49 12.49 29.25
CA ALA B 67 -23.44 12.04 30.29
C ALA B 67 -24.25 10.84 29.83
N TRP B 68 -24.83 10.92 28.62
CA TRP B 68 -25.69 9.85 28.17
C TRP B 68 -24.92 8.61 27.73
N GLY B 69 -23.73 8.80 27.15
CA GLY B 69 -22.91 7.65 26.84
C GLY B 69 -22.43 6.95 28.09
N GLN B 70 -21.95 7.72 29.06
CA GLN B 70 -21.60 7.16 30.37
C GLN B 70 -22.71 6.29 30.92
N LYS B 71 -23.92 6.88 31.03
CA LYS B 71 -25.04 6.14 31.61
C LYS B 71 -25.33 4.86 30.83
N ALA B 72 -25.30 4.93 29.49
CA ALA B 72 -25.65 3.75 28.70
C ALA B 72 -24.74 2.57 29.03
N LYS B 73 -23.44 2.83 29.21
CA LYS B 73 -22.53 1.74 29.54
C LYS B 73 -22.71 1.31 30.98
N GLU B 74 -22.96 2.25 31.88
CA GLU B 74 -23.25 1.90 33.27
C GLU B 74 -24.37 0.87 33.36
N LEU B 75 -25.46 1.13 32.63
CA LEU B 75 -26.65 0.29 32.71
C LEU B 75 -26.58 -0.93 31.80
N TYR B 76 -26.17 -0.75 30.55
CA TYR B 76 -26.44 -1.74 29.52
C TYR B 76 -25.20 -2.29 28.82
N GLU B 77 -24.01 -1.84 29.16
CA GLU B 77 -22.82 -2.27 28.43
C GLU B 77 -22.76 -3.78 28.23
N PRO B 78 -23.05 -4.62 29.22
CA PRO B 78 -22.89 -6.07 29.05
C PRO B 78 -24.14 -6.81 28.61
N ILE B 79 -25.27 -6.13 28.38
CA ILE B 79 -26.51 -6.82 28.09
C ILE B 79 -27.24 -6.31 26.84
N TRP B 80 -26.84 -5.14 26.34
CA TRP B 80 -27.63 -4.56 25.23
C TRP B 80 -27.46 -5.33 23.93
N GLN B 81 -26.32 -5.99 23.73
CA GLN B 81 -26.12 -6.77 22.52
C GLN B 81 -27.12 -7.93 22.42
N GLN B 82 -27.67 -8.37 23.54
CA GLN B 82 -28.59 -9.50 23.57
C GLN B 82 -30.05 -9.09 23.65
N PHE B 83 -30.34 -7.79 23.55
CA PHE B 83 -31.72 -7.34 23.48
C PHE B 83 -32.41 -7.97 22.27
N THR B 84 -33.69 -8.33 22.44
CA THR B 84 -34.45 -8.89 21.34
C THR B 84 -34.77 -7.82 20.29
N ASP B 85 -35.28 -6.67 20.72
CA ASP B 85 -35.56 -5.53 19.86
C ASP B 85 -34.29 -5.15 19.09
N PRO B 86 -34.22 -5.42 17.79
CA PRO B 86 -33.00 -5.06 17.05
C PRO B 86 -32.87 -3.57 16.81
N GLN B 87 -33.99 -2.84 16.64
CA GLN B 87 -33.92 -1.40 16.48
C GLN B 87 -33.38 -0.74 17.75
N LEU B 88 -33.75 -1.28 18.91
CA LEU B 88 -33.19 -0.80 20.17
C LEU B 88 -31.69 -1.09 20.27
N ARG B 89 -31.26 -2.27 19.81
CA ARG B 89 -29.84 -2.58 19.80
C ARG B 89 -29.06 -1.54 19.00
N ARG B 90 -29.57 -1.17 17.82
CA ARG B 90 -28.95 -0.10 17.05
C ARG B 90 -28.81 1.17 17.89
N ILE B 91 -29.90 1.60 18.52
CA ILE B 91 -29.88 2.85 19.29
C ILE B 91 -28.81 2.78 20.37
N ILE B 92 -28.84 1.72 21.18
CA ILE B 92 -27.99 1.69 22.37
C ILE B 92 -26.52 1.59 21.99
N GLY B 93 -26.19 0.69 21.06
CA GLY B 93 -24.82 0.63 20.58
C GLY B 93 -24.29 1.97 20.11
N ALA B 94 -25.17 2.84 19.60
CA ALA B 94 -24.75 4.17 19.16
C ALA B 94 -24.51 5.10 20.33
N VAL B 95 -25.39 5.07 21.32
CA VAL B 95 -25.27 5.98 22.46
C VAL B 95 -23.94 5.76 23.18
N ARG B 96 -23.54 4.49 23.30
CA ARG B 96 -22.34 4.12 24.04
C ARG B 96 -21.06 4.46 23.28
N THR B 97 -21.14 5.08 22.10
CA THR B 97 -19.97 5.47 21.31
C THR B 97 -19.80 6.98 21.45
N LEU B 98 -18.88 7.40 22.30
CA LEU B 98 -18.79 8.79 22.71
C LEU B 98 -18.03 9.68 21.75
N GLY B 99 -17.15 9.12 20.92
CA GLY B 99 -16.41 9.92 19.96
C GLY B 99 -15.58 10.98 20.65
N SER B 100 -15.60 12.20 20.10
CA SER B 100 -14.79 13.27 20.70
C SER B 100 -15.16 13.52 22.15
N ALA B 101 -16.31 13.04 22.62
CA ALA B 101 -16.67 13.20 24.03
C ALA B 101 -15.75 12.40 24.95
N ASN B 102 -15.05 11.39 24.42
CA ASN B 102 -14.09 10.67 25.24
C ASN B 102 -12.90 11.54 25.59
N LEU B 103 -12.70 12.64 24.87
CA LEU B 103 -11.53 13.47 25.12
C LEU B 103 -11.69 14.22 26.44
N PRO B 104 -10.58 14.47 27.14
CA PRO B 104 -10.65 15.41 28.26
C PRO B 104 -11.06 16.79 27.76
N LEU B 105 -11.56 17.62 28.68
CA LEU B 105 -12.18 18.88 28.30
C LEU B 105 -11.19 19.80 27.57
N ALA B 106 -9.91 19.75 27.94
CA ALA B 106 -8.94 20.60 27.26
C ALA B 106 -8.77 20.19 25.80
N LYS B 107 -8.74 18.88 25.55
CA LYS B 107 -8.55 18.41 24.18
C LYS B 107 -9.84 18.47 23.39
N ARG B 108 -10.98 18.33 24.07
CA ARG B 108 -12.25 18.63 23.42
C ARG B 108 -12.22 20.02 22.80
N GLN B 109 -11.80 21.01 23.59
CA GLN B 109 -11.72 22.38 23.11
C GLN B 109 -10.71 22.51 21.98
N GLN B 110 -9.59 21.79 22.10
CA GLN B 110 -8.60 21.80 21.02
C GLN B 110 -9.21 21.23 19.73
N TYR B 111 -9.89 20.10 19.83
CA TYR B 111 -10.50 19.45 18.68
C TYR B 111 -11.49 20.36 17.99
N ASN B 112 -12.34 21.05 18.77
CA ASN B 112 -13.37 21.89 18.17
C ASN B 112 -12.75 23.10 17.46
N ALA B 113 -11.62 23.60 17.94
CA ALA B 113 -11.01 24.79 17.36
C ALA B 113 -10.28 24.46 16.06
N LEU B 114 -9.65 23.30 15.98
CA LEU B 114 -9.00 22.90 14.73
C LEU B 114 -10.02 22.80 13.60
N LEU B 115 -11.18 22.19 13.89
CA LEU B 115 -12.23 22.09 12.88
C LEU B 115 -12.60 23.48 12.38
N SER B 116 -12.75 24.45 13.30
CA SER B 116 -13.17 25.79 12.91
C SER B 116 -12.13 26.46 12.03
N GLN B 117 -10.86 26.29 12.35
CA GLN B 117 -9.83 26.97 11.58
C GLN B 117 -9.55 26.29 10.24
N MET B 118 -9.69 24.98 10.18
CA MET B 118 -9.52 24.29 8.90
C MET B 118 -10.64 24.68 7.93
N SER B 119 -11.87 24.77 8.43
CA SER B 119 -12.99 25.20 7.61
C SER B 119 -12.74 26.61 7.07
N ARG B 120 -12.23 27.51 7.92
CA ARG B 120 -12.04 28.89 7.50
C ARG B 120 -10.96 29.01 6.43
N ILE B 121 -9.84 28.32 6.61
CA ILE B 121 -8.77 28.38 5.61
C ILE B 121 -9.28 27.95 4.24
N TYR B 122 -9.98 26.83 4.18
CA TYR B 122 -10.41 26.31 2.89
C TYR B 122 -11.38 27.27 2.21
N SER B 123 -12.33 27.80 2.94
CA SER B 123 -13.42 28.55 2.34
C SER B 123 -13.08 30.02 2.11
N THR B 124 -11.96 30.50 2.65
CA THR B 124 -11.53 31.87 2.41
C THR B 124 -10.26 31.95 1.58
N ALA B 125 -9.69 30.81 1.18
CA ALA B 125 -8.45 30.83 0.41
C ALA B 125 -8.68 31.49 -0.94
N LYS B 126 -7.73 32.33 -1.36
CA LYS B 126 -7.83 33.05 -2.61
C LYS B 126 -6.57 32.81 -3.45
N VAL B 127 -6.72 32.95 -4.76
CA VAL B 127 -5.60 32.90 -5.69
C VAL B 127 -5.40 34.32 -6.20
N CYS B 128 -4.47 35.03 -5.59
CA CYS B 128 -4.24 36.43 -5.95
C CYS B 128 -3.32 36.51 -7.16
N LEU B 129 -3.69 37.35 -8.11
CA LEU B 129 -3.07 37.37 -9.42
C LEU B 129 -1.75 38.12 -9.38
N PRO B 130 -0.87 37.87 -10.36
CA PRO B 130 0.49 38.42 -10.32
C PRO B 130 0.67 39.63 -11.24
N ALA B 134 -3.83 41.47 -4.35
CA ALA B 134 -4.64 42.64 -4.65
C ALA B 134 -5.97 42.21 -5.28
N THR B 135 -5.97 42.03 -6.60
CA THR B 135 -7.11 41.43 -7.31
C THR B 135 -6.97 39.91 -7.23
N CYS B 136 -8.00 39.23 -6.70
CA CYS B 136 -7.87 37.82 -6.32
C CYS B 136 -9.08 37.01 -6.72
N TRP B 137 -8.84 35.73 -6.97
CA TRP B 137 -9.87 34.81 -7.42
C TRP B 137 -10.28 33.87 -6.29
N SER B 138 -11.58 33.57 -6.21
CA SER B 138 -12.10 32.58 -5.27
C SER B 138 -12.34 31.26 -5.99
N LEU B 139 -12.37 30.19 -5.21
CA LEU B 139 -12.66 28.87 -5.76
C LEU B 139 -13.99 28.89 -6.48
N ASP B 140 -15.01 29.41 -5.82
CA ASP B 140 -16.37 29.48 -6.38
C ASP B 140 -16.76 30.94 -6.46
N PRO B 141 -17.00 31.52 -7.65
CA PRO B 141 -17.04 30.90 -8.97
C PRO B 141 -15.77 30.94 -9.79
N ASP B 142 -14.77 31.73 -9.36
CA ASP B 142 -13.74 32.15 -10.30
C ASP B 142 -12.92 30.97 -10.81
N LEU B 143 -12.25 30.24 -9.90
CA LEU B 143 -11.41 29.14 -10.33
C LEU B 143 -12.24 27.97 -10.88
N THR B 144 -13.41 27.71 -10.30
CA THR B 144 -14.28 26.69 -10.85
C THR B 144 -14.60 26.97 -12.32
N ASN B 145 -14.90 28.21 -12.66
CA ASN B 145 -15.24 28.54 -14.04
C ASN B 145 -14.01 28.42 -14.94
N ILE B 146 -12.84 28.79 -14.45
CA ILE B 146 -11.63 28.65 -15.24
C ILE B 146 -11.39 27.19 -15.55
N LEU B 147 -11.38 26.33 -14.50
CA LEU B 147 -11.16 24.92 -14.71
C LEU B 147 -12.19 24.31 -15.64
N ALA B 148 -13.41 24.85 -15.65
CA ALA B 148 -14.46 24.24 -16.45
C ALA B 148 -14.43 24.70 -17.90
N SER B 149 -14.00 25.94 -18.15
N SER B 149 -13.97 25.93 -18.14
CA SER B 149 -14.19 26.59 -19.44
CA SER B 149 -14.19 26.58 -19.43
C SER B 149 -12.90 26.96 -20.15
C SER B 149 -12.91 26.99 -20.15
N SER B 150 -11.82 27.20 -19.42
CA SER B 150 -10.58 27.62 -20.06
C SER B 150 -9.96 26.45 -20.80
N ARG B 151 -9.45 26.72 -22.01
CA ARG B 151 -8.71 25.72 -22.78
C ARG B 151 -7.28 26.14 -23.02
N SER B 152 -6.81 27.15 -22.28
CA SER B 152 -5.43 27.55 -22.26
C SER B 152 -4.68 26.74 -21.21
N TYR B 153 -3.67 26.00 -21.64
CA TYR B 153 -2.92 25.16 -20.70
C TYR B 153 -2.35 26.00 -19.56
N ALA B 154 -1.86 27.20 -19.86
CA ALA B 154 -1.16 27.99 -18.86
C ALA B 154 -2.13 28.61 -17.85
N MET B 155 -3.30 29.06 -18.31
CA MET B 155 -4.30 29.60 -17.39
C MET B 155 -4.82 28.51 -16.45
N LEU B 156 -5.18 27.36 -17.02
CA LEU B 156 -5.58 26.22 -16.21
C LEU B 156 -4.51 25.89 -15.18
N LEU B 157 -3.23 25.96 -15.60
CA LEU B 157 -2.15 25.60 -14.68
C LEU B 157 -2.06 26.58 -13.54
N PHE B 158 -2.18 27.87 -13.82
CA PHE B 158 -2.07 28.89 -12.79
C PHE B 158 -3.20 28.72 -11.77
N ALA B 159 -4.40 28.45 -12.25
CA ALA B 159 -5.55 28.23 -11.35
C ALA B 159 -5.34 26.98 -10.49
N TRP B 160 -4.88 25.88 -11.10
CA TRP B 160 -4.70 24.64 -10.36
C TRP B 160 -3.61 24.78 -9.31
N GLU B 161 -2.44 25.25 -9.74
CA GLU B 161 -1.32 25.42 -8.80
C GLU B 161 -1.66 26.46 -7.75
N GLY B 162 -2.27 27.57 -8.16
CA GLY B 162 -2.61 28.60 -7.20
C GLY B 162 -3.53 28.06 -6.11
N TRP B 163 -4.55 27.31 -6.51
CA TRP B 163 -5.51 26.83 -5.54
C TRP B 163 -4.88 25.81 -4.60
N HIS B 164 -4.16 24.84 -5.14
CA HIS B 164 -3.62 23.78 -4.31
C HIS B 164 -2.59 24.32 -3.33
N ASN B 165 -1.79 25.29 -3.76
CA ASN B 165 -0.86 25.95 -2.84
C ASN B 165 -1.60 26.79 -1.80
N ALA B 166 -2.56 27.58 -2.22
CA ALA B 166 -3.24 28.51 -1.32
C ALA B 166 -4.02 27.79 -0.22
N ALA B 167 -4.69 26.69 -0.56
CA ALA B 167 -5.52 25.98 0.40
C ALA B 167 -4.73 24.91 1.17
N GLY B 168 -3.91 24.12 0.49
CA GLY B 168 -3.28 22.97 1.09
C GLY B 168 -2.17 23.29 2.05
N ILE B 169 -1.24 24.13 1.64
CA ILE B 169 -0.02 24.36 2.44
C ILE B 169 -0.35 24.82 3.86
N PRO B 170 -1.15 25.87 4.06
CA PRO B 170 -1.47 26.28 5.44
C PRO B 170 -2.30 25.29 6.22
N LEU B 171 -2.97 24.34 5.56
CA LEU B 171 -3.79 23.38 6.28
C LEU B 171 -2.97 22.26 6.93
N LYS B 172 -1.79 21.96 6.39
CA LYS B 172 -1.09 20.74 6.79
C LYS B 172 -0.80 20.67 8.29
N PRO B 173 -0.18 21.68 8.92
CA PRO B 173 0.09 21.57 10.35
C PRO B 173 -1.17 21.36 11.18
N LEU B 174 -2.28 21.99 10.78
CA LEU B 174 -3.54 21.82 11.50
C LEU B 174 -4.09 20.40 11.33
N TYR B 175 -3.98 19.85 10.13
CA TYR B 175 -4.57 18.53 9.88
C TYR B 175 -3.83 17.45 10.66
N GLU B 176 -2.52 17.60 10.81
CA GLU B 176 -1.77 16.68 11.66
C GLU B 176 -2.33 16.66 13.08
N ASP B 177 -2.59 17.85 13.63
CA ASP B 177 -3.08 17.93 15.00
C ASP B 177 -4.47 17.35 15.10
N PHE B 178 -5.33 17.64 14.12
CA PHE B 178 -6.67 17.08 14.16
C PHE B 178 -6.62 15.57 14.16
N THR B 179 -5.79 15.00 13.29
CA THR B 179 -5.74 13.54 13.13
C THR B 179 -5.39 12.87 14.45
N ALA B 180 -4.40 13.39 15.16
CA ALA B 180 -4.00 12.80 16.43
C ALA B 180 -5.14 12.84 17.45
N LEU B 181 -5.82 13.98 17.57
CA LEU B 181 -6.91 14.10 18.53
C LEU B 181 -8.07 13.20 18.18
N SER B 182 -8.44 13.14 16.89
CA SER B 182 -9.55 12.28 16.50
C SER B 182 -9.27 10.83 16.88
N ASN B 183 -8.04 10.37 16.64
CA ASN B 183 -7.70 8.98 16.92
C ASN B 183 -7.78 8.69 18.41
N GLU B 184 -7.25 9.61 19.23
CA GLU B 184 -7.30 9.40 20.68
C GLU B 184 -8.73 9.25 21.16
N ALA B 185 -9.66 9.99 20.57
CA ALA B 185 -11.04 9.97 21.03
C ALA B 185 -11.70 8.62 20.74
N TYR B 186 -11.54 8.10 19.52
CA TYR B 186 -12.28 6.91 19.14
C TYR B 186 -11.61 5.63 19.62
N LYS B 187 -10.31 5.67 19.92
CA LYS B 187 -9.68 4.50 20.52
C LYS B 187 -10.35 4.16 21.85
N GLN B 188 -10.85 5.17 22.56
CA GLN B 188 -11.56 4.94 23.79
C GLN B 188 -12.95 4.36 23.59
N ASP B 189 -13.41 4.23 22.34
CA ASP B 189 -14.64 3.50 22.05
C ASP B 189 -14.38 2.09 21.55
N GLY B 190 -13.12 1.66 21.48
CA GLY B 190 -12.77 0.34 21.02
C GLY B 190 -12.26 0.27 19.60
N PHE B 191 -12.20 1.38 18.89
CA PHE B 191 -11.77 1.41 17.50
C PHE B 191 -10.27 1.62 17.40
N THR B 192 -9.61 0.83 16.53
CA THR B 192 -8.18 1.00 16.33
C THR B 192 -7.84 2.43 15.94
N ASP B 193 -8.70 3.06 15.14
CA ASP B 193 -8.49 4.44 14.71
C ASP B 193 -9.81 5.01 14.18
N THR B 194 -9.78 6.30 13.85
CA THR B 194 -11.00 6.95 13.39
C THR B 194 -11.54 6.30 12.11
N GLY B 195 -10.65 5.89 11.19
CA GLY B 195 -11.12 5.25 9.97
C GLY B 195 -11.92 4.00 10.26
N ALA B 196 -11.55 3.25 11.29
CA ALA B 196 -12.30 2.05 11.62
C ALA B 196 -13.68 2.41 12.11
N TYR B 197 -13.82 3.53 12.82
CA TYR B 197 -15.14 4.00 13.22
C TYR B 197 -15.96 4.40 12.00
N TRP B 198 -15.37 5.19 11.09
CA TRP B 198 -16.10 5.56 9.88
C TRP B 198 -16.56 4.33 9.14
N ARG B 199 -15.69 3.33 8.99
CA ARG B 199 -16.08 2.13 8.25
C ARG B 199 -17.16 1.36 8.99
N SER B 200 -17.15 1.41 10.32
CA SER B 200 -18.14 0.69 11.11
C SER B 200 -19.58 1.05 10.73
N TRP B 201 -19.81 2.23 10.13
CA TRP B 201 -21.16 2.65 9.81
C TRP B 201 -21.85 1.70 8.86
N TYR B 202 -21.10 1.00 8.04
CA TYR B 202 -21.66 0.09 7.04
C TYR B 202 -21.92 -1.29 7.60
N ASN B 203 -21.57 -1.54 8.86
N ASN B 203 -21.59 -1.54 8.87
CA ASN B 203 -21.83 -2.79 9.56
CA ASN B 203 -21.87 -2.81 9.55
C ASN B 203 -21.69 -3.97 8.61
C ASN B 203 -21.70 -3.99 8.59
N SER B 204 -20.50 -4.09 8.04
CA SER B 204 -20.19 -5.14 7.09
C SER B 204 -18.78 -5.64 7.34
N PRO B 205 -18.61 -6.92 7.70
CA PRO B 205 -17.26 -7.42 8.01
C PRO B 205 -16.32 -7.41 6.81
N THR B 206 -16.87 -7.41 5.59
CA THR B 206 -16.08 -7.50 4.37
C THR B 206 -16.10 -6.19 3.57
N PHE B 207 -16.32 -5.07 4.25
CA PHE B 207 -16.53 -3.79 3.57
C PHE B 207 -15.42 -3.49 2.57
N GLU B 208 -14.17 -3.50 3.04
CA GLU B 208 -13.07 -3.10 2.17
C GLU B 208 -12.88 -4.08 1.01
N ASP B 209 -12.99 -5.39 1.29
CA ASP B 209 -12.91 -6.37 0.20
C ASP B 209 -14.04 -6.19 -0.81
N ASP B 210 -15.27 -6.00 -0.34
CA ASP B 210 -16.39 -5.78 -1.25
C ASP B 210 -16.19 -4.55 -2.11
N LEU B 211 -15.71 -3.45 -1.53
CA LEU B 211 -15.40 -2.27 -2.31
C LEU B 211 -14.37 -2.58 -3.39
N GLU B 212 -13.32 -3.34 -3.02
CA GLU B 212 -12.22 -3.63 -3.95
C GLU B 212 -12.72 -4.49 -5.10
N HIS B 213 -13.61 -5.45 -4.82
CA HIS B 213 -14.15 -6.28 -5.87
C HIS B 213 -15.05 -5.47 -6.80
N LEU B 214 -15.83 -4.54 -6.23
CA LEU B 214 -16.60 -3.62 -7.07
C LEU B 214 -15.70 -2.83 -8.00
N TYR B 215 -14.62 -2.25 -7.47
CA TYR B 215 -13.77 -1.45 -8.34
C TYR B 215 -13.12 -2.29 -9.43
N GLN B 216 -12.85 -3.58 -9.16
CA GLN B 216 -12.27 -4.44 -10.17
C GLN B 216 -13.20 -4.56 -11.38
N GLN B 217 -14.51 -4.64 -11.15
CA GLN B 217 -15.44 -4.78 -12.26
C GLN B 217 -15.58 -3.47 -13.02
N LEU B 218 -15.35 -2.35 -12.35
CA LEU B 218 -15.56 -1.05 -12.95
C LEU B 218 -14.32 -0.50 -13.62
N GLU B 219 -13.13 -0.94 -13.18
CA GLU B 219 -11.91 -0.35 -13.70
C GLU B 219 -11.75 -0.43 -15.21
N PRO B 220 -12.09 -1.53 -15.90
CA PRO B 220 -11.98 -1.53 -17.35
C PRO B 220 -12.75 -0.38 -17.98
N LEU B 221 -13.95 -0.07 -17.47
CA LEU B 221 -14.71 1.05 -18.00
C LEU B 221 -13.93 2.35 -17.86
N TYR B 222 -13.34 2.58 -16.68
CA TYR B 222 -12.58 3.81 -16.50
C TYR B 222 -11.35 3.86 -17.40
N LEU B 223 -10.64 2.73 -17.51
CA LEU B 223 -9.41 2.74 -18.32
C LEU B 223 -9.70 3.08 -19.77
N ASN B 224 -10.82 2.58 -20.31
CA ASN B 224 -11.15 2.88 -21.70
C ASN B 224 -11.60 4.32 -21.85
N LEU B 225 -12.38 4.83 -20.89
CA LEU B 225 -12.76 6.23 -20.93
C LEU B 225 -11.54 7.14 -20.85
N HIS B 226 -10.63 6.82 -19.92
CA HIS B 226 -9.38 7.56 -19.75
C HIS B 226 -8.58 7.61 -21.05
N ALA B 227 -8.38 6.47 -21.71
CA ALA B 227 -7.59 6.45 -22.93
C ALA B 227 -8.25 7.28 -24.01
N PHE B 228 -9.58 7.17 -24.11
CA PHE B 228 -10.34 7.91 -25.13
C PHE B 228 -10.18 9.40 -24.90
N VAL B 229 -10.33 9.85 -23.66
CA VAL B 229 -10.24 11.27 -23.33
C VAL B 229 -8.81 11.75 -23.48
N ARG B 230 -7.83 10.95 -23.02
CA ARG B 230 -6.43 11.33 -23.22
C ARG B 230 -6.12 11.61 -24.68
N ARG B 231 -6.66 10.81 -25.58
CA ARG B 231 -6.41 11.03 -27.00
C ARG B 231 -6.93 12.38 -27.43
N ALA B 232 -8.12 12.76 -26.94
CA ALA B 232 -8.71 14.06 -27.30
C ALA B 232 -7.87 15.21 -26.77
N LEU B 233 -7.36 15.08 -25.54
CA LEU B 233 -6.51 16.11 -25.00
C LEU B 233 -5.22 16.20 -25.78
N HIS B 234 -4.76 15.08 -26.35
CA HIS B 234 -3.55 15.10 -27.15
C HIS B 234 -3.77 15.92 -28.42
N ARG B 235 -4.88 15.66 -29.10
CA ARG B 235 -5.24 16.46 -30.29
C ARG B 235 -5.26 17.94 -29.96
N ARG B 236 -5.74 18.29 -28.75
CA ARG B 236 -5.89 19.69 -28.39
C ARG B 236 -4.58 20.31 -27.97
N TYR B 237 -3.84 19.66 -27.06
CA TYR B 237 -2.67 20.26 -26.45
C TYR B 237 -1.35 19.74 -26.99
N GLY B 238 -1.36 18.64 -27.74
CA GLY B 238 -0.15 18.20 -28.40
C GLY B 238 0.71 17.27 -27.59
N ASP B 239 1.75 16.75 -28.25
CA ASP B 239 2.61 15.75 -27.64
C ASP B 239 3.44 16.31 -26.50
N ARG B 240 3.64 17.63 -26.46
CA ARG B 240 4.48 18.21 -25.42
C ARG B 240 3.83 18.08 -24.05
N TYR B 241 2.51 18.23 -24.00
CA TYR B 241 1.80 18.27 -22.74
C TYR B 241 1.01 17.01 -22.45
N ILE B 242 0.88 16.11 -23.41
CA ILE B 242 0.09 14.91 -23.26
C ILE B 242 0.93 13.73 -23.72
N ASN B 243 1.08 12.75 -22.85
CA ASN B 243 1.79 11.52 -23.14
C ASN B 243 0.76 10.42 -23.32
N LEU B 244 0.69 9.86 -24.53
CA LEU B 244 -0.34 8.89 -24.84
C LEU B 244 -0.15 7.58 -24.10
N ARG B 245 0.98 7.41 -23.40
CA ARG B 245 1.22 6.25 -22.54
C ARG B 245 1.47 6.63 -21.09
N GLY B 246 1.13 7.85 -20.69
CA GLY B 246 1.37 8.34 -19.36
C GLY B 246 0.13 8.94 -18.72
N PRO B 247 0.23 9.34 -17.44
CA PRO B 247 -0.93 9.94 -16.75
C PRO B 247 -1.30 11.28 -17.37
N ILE B 248 -2.57 11.63 -17.23
CA ILE B 248 -3.08 12.90 -17.76
C ILE B 248 -2.76 14.00 -16.76
N PRO B 249 -2.21 15.14 -17.20
CA PRO B 249 -2.02 16.27 -16.28
C PRO B 249 -3.33 16.66 -15.60
N ALA B 250 -3.26 16.84 -14.26
CA ALA B 250 -4.44 16.85 -13.41
C ALA B 250 -5.32 18.09 -13.57
N HIS B 251 -4.95 19.06 -14.37
CA HIS B 251 -5.69 20.31 -14.50
C HIS B 251 -6.47 20.43 -15.81
N LEU B 252 -6.49 19.38 -16.64
CA LEU B 252 -7.03 19.48 -17.97
C LEU B 252 -8.37 18.84 -18.16
N LEU B 253 -9.00 18.36 -17.09
CA LEU B 253 -10.17 17.50 -17.18
C LEU B 253 -11.47 18.19 -16.76
N GLY B 254 -11.45 19.51 -16.59
CA GLY B 254 -12.66 20.29 -16.45
C GLY B 254 -13.05 20.61 -15.03
N ASP B 255 -12.28 20.15 -14.07
CA ASP B 255 -12.65 20.13 -12.67
C ASP B 255 -11.36 20.24 -11.86
N MET B 256 -11.42 21.00 -10.76
CA MET B 256 -10.20 21.27 -9.99
C MET B 256 -9.55 20.00 -9.47
N TRP B 257 -10.31 18.94 -9.26
CA TRP B 257 -9.83 17.68 -8.69
C TRP B 257 -9.84 16.57 -9.72
N ALA B 258 -10.14 16.90 -10.98
CA ALA B 258 -10.21 15.93 -12.08
C ALA B 258 -11.18 14.81 -11.74
N GLN B 259 -12.20 15.11 -10.92
CA GLN B 259 -13.06 14.07 -10.36
C GLN B 259 -14.24 13.72 -11.22
N SER B 260 -14.68 14.64 -12.07
CA SER B 260 -15.64 14.34 -13.11
C SER B 260 -15.30 15.24 -14.28
N TRP B 261 -15.59 14.74 -15.49
CA TRP B 261 -15.02 15.30 -16.68
C TRP B 261 -16.07 15.88 -17.63
N GLU B 262 -17.29 16.09 -17.13
CA GLU B 262 -18.34 16.56 -18.04
C GLU B 262 -18.04 17.91 -18.66
N ASN B 263 -17.24 18.75 -18.00
CA ASN B 263 -16.96 20.07 -18.53
C ASN B 263 -16.06 20.07 -19.76
N ILE B 264 -15.41 18.96 -20.11
CA ILE B 264 -14.69 18.87 -21.38
C ILE B 264 -15.46 18.03 -22.39
N TYR B 265 -16.74 17.78 -22.15
CA TYR B 265 -17.57 17.08 -23.15
C TYR B 265 -17.45 17.70 -24.53
N ASP B 266 -17.41 19.02 -24.63
CA ASP B 266 -17.36 19.63 -25.95
C ASP B 266 -16.04 19.36 -26.67
N MET B 267 -15.02 18.88 -25.97
CA MET B 267 -13.78 18.50 -26.64
C MET B 267 -13.76 17.03 -27.05
N VAL B 268 -14.64 16.19 -26.51
CA VAL B 268 -14.60 14.76 -26.74
C VAL B 268 -15.86 14.20 -27.37
N VAL B 269 -16.89 15.03 -27.58
CA VAL B 269 -18.16 14.59 -28.16
C VAL B 269 -17.95 13.60 -29.31
N PRO B 270 -18.39 12.34 -29.17
CA PRO B 270 -18.23 11.37 -30.26
C PRO B 270 -18.75 11.84 -31.60
N PHE B 271 -20.04 12.19 -31.68
CA PHE B 271 -20.69 12.57 -32.93
C PHE B 271 -21.11 14.04 -32.82
N PRO B 272 -20.19 14.97 -33.10
CA PRO B 272 -20.40 16.37 -32.70
C PRO B 272 -21.44 17.14 -33.47
N ASP B 273 -21.96 16.60 -34.57
CA ASP B 273 -22.96 17.33 -35.35
C ASP B 273 -24.30 17.42 -34.63
N LYS B 274 -24.59 16.51 -33.71
CA LYS B 274 -25.90 16.36 -33.10
C LYS B 274 -26.19 17.53 -32.15
N PRO B 275 -27.42 17.63 -31.66
CA PRO B 275 -27.74 18.71 -30.71
C PRO B 275 -26.87 18.66 -29.47
N ASN B 276 -26.65 19.83 -28.88
CA ASN B 276 -25.77 19.98 -27.73
C ASN B 276 -26.51 19.47 -26.49
N LEU B 277 -26.05 18.33 -25.96
CA LEU B 277 -26.65 17.76 -24.76
C LEU B 277 -26.23 18.49 -23.49
N ASP B 278 -25.32 19.45 -23.58
CA ASP B 278 -25.07 20.40 -22.50
C ASP B 278 -25.99 21.59 -22.72
N VAL B 279 -26.99 21.72 -21.86
CA VAL B 279 -28.07 22.68 -22.06
C VAL B 279 -27.79 24.00 -21.36
N THR B 280 -26.56 24.19 -20.88
CA THR B 280 -26.26 25.43 -20.16
C THR B 280 -26.63 26.65 -20.97
N SER B 281 -26.19 26.71 -22.24
CA SER B 281 -26.45 27.89 -23.07
C SER B 281 -27.94 28.15 -23.20
N THR B 282 -28.73 27.09 -23.33
CA THR B 282 -30.19 27.27 -23.40
C THR B 282 -30.74 27.76 -22.07
N MET B 283 -30.21 27.24 -20.95
CA MET B 283 -30.63 27.74 -19.65
C MET B 283 -30.39 29.25 -19.55
N LEU B 284 -29.20 29.71 -19.98
CA LEU B 284 -28.91 31.13 -19.92
C LEU B 284 -29.73 31.91 -20.94
N GLN B 285 -29.83 31.39 -22.17
CA GLN B 285 -30.65 32.05 -23.19
C GLN B 285 -32.07 32.24 -22.71
N GLN B 286 -32.62 31.25 -21.99
CA GLN B 286 -33.97 31.33 -21.47
C GLN B 286 -34.07 32.09 -20.15
N GLY B 287 -32.95 32.47 -19.54
CA GLY B 287 -33.01 33.29 -18.34
C GLY B 287 -33.23 32.55 -17.04
N TRP B 288 -32.82 31.29 -16.97
CA TRP B 288 -32.97 30.56 -15.72
C TRP B 288 -32.17 31.25 -14.60
N GLN B 289 -32.70 31.16 -13.39
CA GLN B 289 -32.04 31.65 -12.19
C GLN B 289 -32.06 30.55 -11.13
N ALA B 290 -31.33 30.79 -10.05
CA ALA B 290 -31.23 29.80 -8.99
C ALA B 290 -32.60 29.33 -8.54
N THR B 291 -33.56 30.25 -8.38
CA THR B 291 -34.85 29.84 -7.84
C THR B 291 -35.59 28.91 -8.82
N HIS B 292 -35.52 29.21 -10.13
CA HIS B 292 -36.14 28.32 -11.10
C HIS B 292 -35.55 26.92 -11.02
N MET B 293 -34.22 26.82 -10.86
CA MET B 293 -33.60 25.51 -10.81
C MET B 293 -34.12 24.71 -9.62
N PHE B 294 -34.30 25.35 -8.47
CA PHE B 294 -34.78 24.65 -7.29
C PHE B 294 -36.26 24.29 -7.41
N ARG B 295 -37.04 25.15 -8.07
CA ARG B 295 -38.47 24.84 -8.27
C ARG B 295 -38.64 23.68 -9.24
N VAL B 296 -37.78 23.63 -10.27
CA VAL B 296 -37.87 22.55 -11.24
C VAL B 296 -37.51 21.24 -10.57
N ALA B 297 -36.45 21.25 -9.74
CA ALA B 297 -36.10 20.06 -8.97
C ALA B 297 -37.24 19.65 -8.05
N GLU B 298 -37.82 20.62 -7.33
CA GLU B 298 -38.90 20.31 -6.42
C GLU B 298 -40.05 19.63 -7.15
N GLU B 299 -40.40 20.14 -8.33
CA GLU B 299 -41.56 19.60 -9.04
C GLU B 299 -41.33 18.15 -9.48
N PHE B 300 -40.08 17.77 -9.77
CA PHE B 300 -39.80 16.36 -10.03
C PHE B 300 -40.16 15.52 -8.81
N PHE B 301 -39.70 15.95 -7.62
CA PHE B 301 -40.05 15.22 -6.40
C PHE B 301 -41.57 15.14 -6.22
N THR B 302 -42.30 16.24 -6.43
CA THR B 302 -43.74 16.20 -6.20
C THR B 302 -44.44 15.42 -7.28
N SER B 303 -43.83 15.30 -8.47
CA SER B 303 -44.43 14.47 -9.52
C SER B 303 -44.48 13.01 -9.06
N LEU B 304 -43.55 12.60 -8.20
CA LEU B 304 -43.49 11.28 -7.61
C LEU B 304 -44.34 11.16 -6.35
N GLU B 305 -45.08 12.22 -5.99
CA GLU B 305 -45.85 12.28 -4.74
C GLU B 305 -44.93 12.23 -3.53
N LEU B 306 -43.74 12.78 -3.68
CA LEU B 306 -42.88 13.09 -2.53
C LEU B 306 -43.21 14.50 -2.07
N SER B 307 -42.56 14.95 -1.02
CA SER B 307 -43.00 16.17 -0.38
C SER B 307 -42.43 17.38 -1.11
N PRO B 308 -43.20 18.47 -1.19
CA PRO B 308 -42.62 19.74 -1.62
C PRO B 308 -41.72 20.30 -0.52
N MET B 309 -40.94 21.30 -0.90
CA MET B 309 -40.11 22.01 0.09
C MET B 309 -41.01 22.87 0.94
N PRO B 310 -40.87 22.85 2.26
CA PRO B 310 -41.76 23.64 3.12
C PRO B 310 -41.41 25.12 3.09
N PRO B 311 -42.31 25.97 3.55
CA PRO B 311 -42.02 27.42 3.60
C PRO B 311 -40.73 27.74 4.32
N GLU B 312 -40.46 27.05 5.42
CA GLU B 312 -39.21 27.25 6.15
C GLU B 312 -37.98 27.06 5.26
N PHE B 313 -38.05 26.16 4.27
CA PHE B 313 -36.94 25.97 3.35
C PHE B 313 -36.72 27.19 2.48
N TRP B 314 -37.80 27.72 1.88
CA TRP B 314 -37.65 28.85 0.95
C TRP B 314 -37.28 30.12 1.70
N GLU B 315 -37.77 30.28 2.91
CA GLU B 315 -37.49 31.48 3.69
C GLU B 315 -36.08 31.48 4.28
N GLY B 316 -35.53 30.31 4.58
CA GLY B 316 -34.27 30.24 5.32
C GLY B 316 -33.05 29.85 4.53
N SER B 317 -33.24 29.21 3.38
CA SER B 317 -32.11 28.72 2.61
C SER B 317 -31.32 29.87 2.01
N MET B 318 -30.05 29.61 1.71
CA MET B 318 -29.20 30.52 0.97
C MET B 318 -28.92 29.86 -0.38
N LEU B 319 -29.64 30.29 -1.41
CA LEU B 319 -29.54 29.66 -2.72
C LEU B 319 -28.64 30.43 -3.68
N GLU B 320 -28.09 31.57 -3.27
CA GLU B 320 -27.16 32.33 -4.09
C GLU B 320 -26.03 32.83 -3.20
N LYS B 321 -24.87 33.04 -3.81
CA LYS B 321 -23.76 33.62 -3.06
C LYS B 321 -24.11 35.04 -2.64
N PRO B 322 -23.98 35.39 -1.36
CA PRO B 322 -24.36 36.75 -0.92
C PRO B 322 -23.58 37.81 -1.67
N ALA B 323 -24.25 38.91 -1.97
CA ALA B 323 -23.64 40.02 -2.69
C ALA B 323 -22.99 41.05 -1.77
N ASP B 324 -23.39 41.10 -0.49
CA ASP B 324 -22.75 42.01 0.44
C ASP B 324 -21.25 41.73 0.60
N GLY B 325 -20.81 40.52 0.27
CA GLY B 325 -19.43 40.15 0.43
C GLY B 325 -19.16 39.23 1.61
N ARG B 326 -20.17 39.00 2.45
CA ARG B 326 -20.08 38.00 3.50
C ARG B 326 -19.22 36.82 3.08
N GLU B 327 -18.16 36.54 3.80
CA GLU B 327 -17.49 35.27 3.65
C GLU B 327 -18.50 34.17 3.96
N VAL B 328 -18.67 33.25 3.01
CA VAL B 328 -19.55 32.13 3.19
C VAL B 328 -18.80 30.88 2.76
N VAL B 329 -19.17 29.75 3.36
CA VAL B 329 -18.80 28.45 2.81
C VAL B 329 -19.67 28.25 1.58
N CYS B 330 -19.06 28.32 0.38
CA CYS B 330 -19.87 28.16 -0.82
C CYS B 330 -20.16 26.70 -1.15
N HIS B 331 -19.35 25.78 -0.64
CA HIS B 331 -19.55 24.38 -0.94
C HIS B 331 -20.98 23.94 -0.59
N ALA B 332 -21.69 23.41 -1.59
CA ALA B 332 -23.11 23.12 -1.43
C ALA B 332 -23.39 22.09 -0.34
N SER B 333 -24.43 22.33 0.45
CA SER B 333 -24.81 21.41 1.49
C SER B 333 -26.29 21.59 1.84
N ALA B 334 -26.83 20.53 2.43
CA ALA B 334 -28.24 20.43 2.83
C ALA B 334 -28.30 20.17 4.31
N TRP B 335 -29.19 20.89 5.00
CA TRP B 335 -29.15 21.06 6.44
C TRP B 335 -30.42 20.57 7.11
N ASP B 336 -30.26 19.69 8.09
CA ASP B 336 -31.33 19.23 8.97
C ASP B 336 -31.08 19.80 10.36
N PHE B 337 -32.07 20.49 10.91
CA PHE B 337 -31.90 21.14 12.22
C PHE B 337 -32.43 20.29 13.36
N TYR B 338 -32.93 19.10 13.08
CA TYR B 338 -33.44 18.18 14.10
C TYR B 338 -34.47 18.90 14.98
N ASN B 339 -35.40 19.59 14.34
CA ASN B 339 -36.58 20.12 15.01
C ASN B 339 -37.84 19.84 14.21
N ARG B 340 -37.78 18.99 13.17
CA ARG B 340 -38.92 18.57 12.38
C ARG B 340 -39.52 19.73 11.58
N LYS B 341 -38.93 20.92 11.62
CA LYS B 341 -39.47 22.10 10.98
C LYS B 341 -38.50 22.75 10.00
N ASP B 342 -37.26 22.99 10.41
CA ASP B 342 -36.31 23.76 9.64
C ASP B 342 -35.39 22.86 8.82
N PHE B 343 -35.34 23.11 7.53
CA PHE B 343 -34.54 22.37 6.57
C PHE B 343 -34.09 23.38 5.52
N ARG B 344 -32.80 23.36 5.18
CA ARG B 344 -32.27 24.39 4.31
C ARG B 344 -31.17 23.85 3.42
N ILE B 345 -30.99 24.50 2.28
CA ILE B 345 -29.81 24.31 1.45
C ILE B 345 -29.00 25.60 1.45
N LYS B 346 -27.68 25.45 1.50
CA LYS B 346 -26.71 26.55 1.38
C LYS B 346 -25.87 26.26 0.14
N GLN B 347 -26.18 26.93 -0.97
CA GLN B 347 -25.50 26.69 -2.24
C GLN B 347 -25.27 28.03 -2.94
N CYS B 348 -24.04 28.22 -3.45
CA CYS B 348 -23.74 29.40 -4.27
C CYS B 348 -24.09 29.07 -5.72
N THR B 349 -25.39 28.95 -5.96
CA THR B 349 -25.88 28.36 -7.19
C THR B 349 -25.50 29.19 -8.39
N ARG B 350 -24.99 28.52 -9.43
CA ARG B 350 -24.74 29.10 -10.74
C ARG B 350 -25.62 28.43 -11.79
N VAL B 351 -25.90 29.15 -12.87
CA VAL B 351 -26.85 28.71 -13.88
C VAL B 351 -26.06 27.89 -14.90
N THR B 352 -25.91 26.60 -14.62
CA THR B 352 -25.30 25.64 -15.51
C THR B 352 -26.01 24.30 -15.37
N MET B 353 -25.82 23.44 -16.37
CA MET B 353 -26.41 22.10 -16.29
C MET B 353 -25.79 21.31 -15.15
N ASP B 354 -24.48 21.49 -14.91
CA ASP B 354 -23.80 20.80 -13.81
C ASP B 354 -24.41 21.19 -12.47
N GLN B 355 -24.72 22.48 -12.30
CA GLN B 355 -25.30 22.95 -11.06
C GLN B 355 -26.73 22.48 -10.88
N LEU B 356 -27.45 22.27 -11.98
CA LEU B 356 -28.79 21.70 -11.86
C LEU B 356 -28.72 20.30 -11.26
N SER B 357 -27.73 19.52 -11.65
CA SER B 357 -27.45 18.25 -10.98
C SER B 357 -27.15 18.43 -9.50
N THR B 358 -26.34 19.42 -9.14
CA THR B 358 -26.04 19.66 -7.73
C THR B 358 -27.32 20.01 -6.98
N VAL B 359 -28.18 20.83 -7.59
CA VAL B 359 -29.44 21.19 -6.96
C VAL B 359 -30.23 19.93 -6.63
N HIS B 360 -30.32 18.98 -7.59
CA HIS B 360 -31.06 17.76 -7.34
C HIS B 360 -30.40 16.92 -6.27
N HIS B 361 -29.07 16.88 -6.28
CA HIS B 361 -28.35 16.14 -5.24
C HIS B 361 -28.71 16.66 -3.84
N GLU B 362 -28.61 17.98 -3.64
CA GLU B 362 -28.89 18.56 -2.34
C GLU B 362 -30.35 18.42 -1.97
N MET B 363 -31.26 18.56 -2.94
CA MET B 363 -32.67 18.42 -2.60
C MET B 363 -33.00 16.98 -2.26
N GLY B 364 -32.22 16.02 -2.81
CA GLY B 364 -32.32 14.65 -2.34
C GLY B 364 -32.08 14.52 -0.84
N HIS B 365 -31.04 15.19 -0.33
CA HIS B 365 -30.81 15.18 1.10
C HIS B 365 -32.01 15.74 1.85
N ILE B 366 -32.55 16.87 1.36
CA ILE B 366 -33.68 17.50 2.06
C ILE B 366 -34.88 16.57 2.07
N GLN B 367 -35.19 15.97 0.92
CA GLN B 367 -36.31 15.04 0.87
C GLN B 367 -36.16 13.95 1.94
N TYR B 368 -34.95 13.41 2.10
CA TYR B 368 -34.68 12.45 3.16
C TYR B 368 -35.05 13.04 4.51
N TYR B 369 -34.52 14.23 4.81
CA TYR B 369 -34.83 14.86 6.10
C TYR B 369 -36.33 14.96 6.31
N LEU B 370 -37.07 15.38 5.29
CA LEU B 370 -38.51 15.55 5.46
C LEU B 370 -39.22 14.25 5.72
N GLN B 371 -38.76 13.16 5.11
CA GLN B 371 -39.48 11.90 5.21
C GLN B 371 -39.23 11.18 6.53
N TYR B 372 -38.10 11.41 7.18
CA TYR B 372 -37.84 10.75 8.46
C TYR B 372 -37.83 11.72 9.66
N LYS B 373 -38.37 12.92 9.48
CA LYS B 373 -38.30 13.90 10.55
C LYS B 373 -39.08 13.45 11.79
N ASP B 374 -40.08 12.57 11.63
CA ASP B 374 -40.85 12.09 12.77
C ASP B 374 -40.19 10.91 13.47
N LEU B 375 -39.32 10.16 12.78
CA LEU B 375 -38.58 9.07 13.42
C LEU B 375 -37.85 9.60 14.65
N PRO B 376 -37.51 8.75 15.61
CA PRO B 376 -36.64 9.21 16.69
C PRO B 376 -35.27 9.58 16.15
N VAL B 377 -34.59 10.48 16.86
CA VAL B 377 -33.45 11.19 16.30
C VAL B 377 -32.35 10.24 15.84
N SER B 378 -32.08 9.18 16.59
CA SER B 378 -30.96 8.33 16.24
C SER B 378 -31.16 7.62 14.91
N LEU B 379 -32.39 7.53 14.42
CA LEU B 379 -32.69 6.88 13.16
C LEU B 379 -32.77 7.87 12.00
N ARG B 380 -32.48 9.15 12.24
CA ARG B 380 -32.62 10.19 11.22
C ARG B 380 -31.30 10.28 10.44
N ARG B 381 -31.04 9.19 9.72
CA ARG B 381 -29.85 9.05 8.89
C ARG B 381 -30.28 8.17 7.73
N GLY B 382 -29.44 8.12 6.71
CA GLY B 382 -29.66 7.14 5.67
C GLY B 382 -29.50 5.73 6.23
N ALA B 383 -30.09 4.76 5.53
CA ALA B 383 -29.83 3.37 5.88
C ALA B 383 -28.32 3.16 6.05
N ASN B 384 -27.54 3.76 5.16
CA ASN B 384 -26.13 4.07 5.42
C ASN B 384 -25.80 5.37 4.70
N PRO B 385 -24.61 5.94 4.93
CA PRO B 385 -24.35 7.26 4.35
C PRO B 385 -24.41 7.31 2.84
N GLY B 386 -24.10 6.20 2.16
CA GLY B 386 -24.26 6.14 0.72
C GLY B 386 -25.71 6.30 0.25
N PHE B 387 -26.67 5.81 1.03
CA PHE B 387 -28.07 5.99 0.65
C PHE B 387 -28.40 7.46 0.55
N HIS B 388 -27.95 8.23 1.54
CA HIS B 388 -28.24 9.65 1.57
C HIS B 388 -27.66 10.35 0.35
N GLU B 389 -26.47 9.91 -0.09
CA GLU B 389 -25.84 10.54 -1.23
C GLU B 389 -26.50 10.15 -2.57
N ALA B 390 -27.25 9.05 -2.60
CA ALA B 390 -27.74 8.51 -3.87
C ALA B 390 -29.09 9.08 -4.28
N ILE B 391 -29.89 9.55 -3.32
CA ILE B 391 -31.30 9.86 -3.59
C ILE B 391 -31.41 10.91 -4.70
N GLY B 392 -30.74 12.05 -4.54
CA GLY B 392 -30.91 13.09 -5.51
C GLY B 392 -30.31 12.74 -6.86
N ASP B 393 -29.19 12.01 -6.84
CA ASP B 393 -28.56 11.57 -8.08
C ASP B 393 -29.47 10.67 -8.89
N VAL B 394 -30.27 9.83 -8.21
CA VAL B 394 -31.17 8.93 -8.93
C VAL B 394 -32.17 9.74 -9.72
N LEU B 395 -32.76 10.76 -9.11
CA LEU B 395 -33.71 11.59 -9.86
C LEU B 395 -32.99 12.30 -11.00
N ALA B 396 -31.75 12.76 -10.77
CA ALA B 396 -31.03 13.47 -11.79
C ALA B 396 -30.71 12.59 -12.99
N LEU B 397 -30.64 11.27 -12.81
CA LEU B 397 -30.46 10.38 -13.95
C LEU B 397 -31.64 10.48 -14.91
N SER B 398 -32.85 10.59 -14.37
CA SER B 398 -34.03 10.78 -15.25
C SER B 398 -34.05 12.17 -15.84
N VAL B 399 -33.71 13.18 -15.05
CA VAL B 399 -33.75 14.55 -15.55
C VAL B 399 -32.80 14.74 -16.71
N SER B 400 -31.64 14.10 -16.68
N SER B 400 -31.65 14.09 -16.68
CA SER B 400 -30.63 14.34 -17.70
CA SER B 400 -30.62 14.32 -17.69
C SER B 400 -30.94 13.69 -19.04
C SER B 400 -30.97 13.71 -19.05
N THR B 401 -31.91 12.78 -19.10
CA THR B 401 -32.19 12.11 -20.36
C THR B 401 -32.66 13.12 -21.41
N PRO B 402 -32.24 12.98 -22.68
CA PRO B 402 -32.71 13.93 -23.70
C PRO B 402 -34.22 14.06 -23.74
N GLU B 403 -34.93 12.93 -23.58
CA GLU B 403 -36.39 12.97 -23.56
C GLU B 403 -36.91 13.90 -22.45
N HIS B 404 -36.32 13.82 -21.27
CA HIS B 404 -36.82 14.65 -20.19
C HIS B 404 -36.44 16.11 -20.39
N LEU B 405 -35.20 16.35 -20.84
CA LEU B 405 -34.79 17.72 -21.15
C LEU B 405 -35.74 18.34 -22.16
N HIS B 406 -36.19 17.56 -23.13
CA HIS B 406 -37.17 18.07 -24.09
C HIS B 406 -38.49 18.39 -23.39
N LYS B 407 -38.88 17.56 -22.41
CA LYS B 407 -40.13 17.80 -21.70
C LYS B 407 -40.12 19.14 -20.97
N ILE B 408 -38.97 19.53 -20.42
CA ILE B 408 -38.87 20.76 -19.64
C ILE B 408 -38.31 21.91 -20.47
N GLY B 409 -38.32 21.78 -21.80
CA GLY B 409 -38.04 22.89 -22.69
C GLY B 409 -36.59 23.26 -22.84
N LEU B 410 -35.65 22.40 -22.42
CA LEU B 410 -34.23 22.68 -22.52
C LEU B 410 -33.56 22.04 -23.74
N LEU B 411 -34.31 21.32 -24.57
CA LEU B 411 -33.71 20.62 -25.71
C LEU B 411 -34.78 20.40 -26.77
N ASP B 412 -34.61 21.04 -27.93
CA ASP B 412 -35.34 20.62 -29.13
C ASP B 412 -35.21 19.11 -29.29
N ARG B 413 -36.32 18.45 -29.59
CA ARG B 413 -36.35 16.99 -29.58
C ARG B 413 -35.22 16.41 -30.42
N VAL B 414 -34.71 15.26 -29.98
CA VAL B 414 -33.56 14.62 -30.63
C VAL B 414 -34.01 13.32 -31.25
N THR B 415 -33.18 12.82 -32.18
CA THR B 415 -33.47 11.57 -32.85
C THR B 415 -33.04 10.39 -31.99
N ASN B 416 -33.87 9.36 -31.97
CA ASN B 416 -33.60 8.14 -31.20
C ASN B 416 -32.83 7.15 -32.07
N ASP B 417 -31.55 7.47 -32.26
CA ASP B 417 -30.66 6.65 -33.07
C ASP B 417 -29.41 6.30 -32.26
N THR B 418 -28.61 5.41 -32.84
CA THR B 418 -27.43 4.90 -32.14
C THR B 418 -26.46 6.01 -31.76
N GLU B 419 -26.29 7.00 -32.65
CA GLU B 419 -25.25 8.01 -32.41
C GLU B 419 -25.62 8.98 -31.30
N SER B 420 -26.87 9.45 -31.29
CA SER B 420 -27.33 10.26 -30.17
C SER B 420 -27.25 9.48 -28.87
N ASP B 421 -27.46 8.15 -28.94
CA ASP B 421 -27.32 7.33 -27.74
C ASP B 421 -25.88 7.33 -27.25
N ILE B 422 -24.92 7.18 -28.16
CA ILE B 422 -23.51 7.19 -27.76
C ILE B 422 -23.14 8.56 -27.20
N ASN B 423 -23.60 9.64 -27.83
CA ASN B 423 -23.33 10.98 -27.31
C ASN B 423 -23.78 11.11 -25.87
N TYR B 424 -25.04 10.73 -25.59
CA TYR B 424 -25.58 10.87 -24.24
C TYR B 424 -24.80 10.00 -23.24
N LEU B 425 -24.58 8.72 -23.58
CA LEU B 425 -23.93 7.83 -22.63
C LEU B 425 -22.50 8.24 -22.37
N LEU B 426 -21.85 8.84 -23.37
CA LEU B 426 -20.49 9.33 -23.17
C LEU B 426 -20.49 10.51 -22.21
N LYS B 427 -21.42 11.45 -22.39
CA LYS B 427 -21.52 12.56 -21.46
C LYS B 427 -21.77 12.05 -20.03
N MET B 428 -22.62 11.03 -19.90
CA MET B 428 -22.90 10.48 -18.57
C MET B 428 -21.66 9.75 -18.04
N ALA B 429 -20.90 9.10 -18.93
CA ALA B 429 -19.68 8.44 -18.50
C ALA B 429 -18.69 9.46 -17.95
N LEU B 430 -18.56 10.62 -18.61
CA LEU B 430 -17.66 11.67 -18.12
C LEU B 430 -18.04 12.12 -16.73
N GLU B 431 -19.34 12.07 -16.40
CA GLU B 431 -19.78 12.50 -15.08
C GLU B 431 -19.68 11.41 -14.03
N LYS B 432 -20.00 10.17 -14.38
CA LYS B 432 -20.15 9.08 -13.43
C LYS B 432 -18.98 8.11 -13.43
N ILE B 433 -18.56 7.64 -14.60
N ILE B 433 -18.52 7.66 -14.60
CA ILE B 433 -17.45 6.69 -14.65
CA ILE B 433 -17.45 6.69 -14.61
C ILE B 433 -16.16 7.36 -14.20
C ILE B 433 -16.14 7.35 -14.23
N ALA B 434 -15.90 8.57 -14.72
CA ALA B 434 -14.66 9.26 -14.35
C ALA B 434 -14.54 9.48 -12.84
N PHE B 435 -15.67 9.61 -12.12
CA PHE B 435 -15.63 9.87 -10.71
C PHE B 435 -15.21 8.64 -9.92
N LEU B 436 -15.52 7.45 -10.40
CA LEU B 436 -15.33 6.24 -9.61
C LEU B 436 -13.95 6.14 -8.96
N PRO B 437 -12.85 6.29 -9.68
CA PRO B 437 -11.54 6.15 -8.99
C PRO B 437 -11.35 7.17 -7.91
N PHE B 438 -11.83 8.39 -8.09
CA PHE B 438 -11.65 9.44 -7.09
C PHE B 438 -12.52 9.16 -5.88
N GLY B 439 -13.79 8.78 -6.11
CA GLY B 439 -14.63 8.36 -5.02
C GLY B 439 -14.03 7.26 -4.19
N TYR B 440 -13.26 6.36 -4.83
CA TYR B 440 -12.65 5.24 -4.13
C TYR B 440 -11.39 5.67 -3.38
N LEU B 441 -10.59 6.54 -3.96
CA LEU B 441 -9.25 6.70 -3.39
C LEU B 441 -9.18 7.67 -2.23
N VAL B 442 -10.08 8.64 -2.15
CA VAL B 442 -9.96 9.68 -1.11
C VAL B 442 -9.89 9.07 0.28
N ASP B 443 -10.84 8.18 0.63
CA ASP B 443 -10.77 7.59 1.94
C ASP B 443 -9.73 6.50 2.04
N GLN B 444 -9.24 5.93 0.92
CA GLN B 444 -8.05 5.09 1.05
C GLN B 444 -6.90 5.90 1.62
N TRP B 445 -6.72 7.10 1.10
CA TRP B 445 -5.70 8.01 1.65
C TRP B 445 -5.98 8.32 3.12
N ARG B 446 -7.22 8.71 3.43
CA ARG B 446 -7.54 9.11 4.78
C ARG B 446 -7.50 7.95 5.77
N TRP B 447 -7.92 6.75 5.34
CA TRP B 447 -7.78 5.59 6.21
C TRP B 447 -6.31 5.34 6.55
N GLY B 448 -5.41 5.52 5.56
CA GLY B 448 -3.98 5.33 5.86
C GLY B 448 -3.40 6.39 6.77
N VAL B 449 -3.90 7.62 6.67
CA VAL B 449 -3.48 8.65 7.62
C VAL B 449 -3.96 8.30 9.01
N PHE B 450 -5.24 7.95 9.15
CA PHE B 450 -5.76 7.63 10.50
C PHE B 450 -5.06 6.42 11.08
N SER B 451 -4.74 5.42 10.26
CA SER B 451 -4.14 4.21 10.80
C SER B 451 -2.66 4.37 11.13
N GLY B 452 -2.03 5.44 10.67
CA GLY B 452 -0.61 5.65 10.88
C GLY B 452 0.25 5.16 9.74
N ARG B 453 -0.32 4.46 8.77
CA ARG B 453 0.47 4.02 7.63
C ARG B 453 1.04 5.19 6.85
N THR B 454 0.34 6.33 6.84
CA THR B 454 0.72 7.54 6.14
C THR B 454 0.97 8.65 7.17
N PRO B 455 2.19 8.79 7.67
CA PRO B 455 2.48 9.89 8.58
C PRO B 455 2.56 11.20 7.83
N PRO B 456 2.64 12.32 8.54
CA PRO B 456 2.77 13.62 7.85
C PRO B 456 3.88 13.66 6.79
N SER B 457 4.98 12.97 7.04
CA SER B 457 6.11 12.94 6.12
C SER B 457 5.78 12.29 4.79
N ARG B 458 4.61 11.67 4.67
CA ARG B 458 4.22 11.06 3.40
C ARG B 458 2.79 11.45 2.97
N TYR B 459 2.24 12.54 3.53
CA TYR B 459 0.89 12.94 3.14
C TYR B 459 0.76 13.10 1.63
N ASN B 460 1.69 13.85 1.01
CA ASN B 460 1.54 14.16 -0.41
C ASN B 460 2.06 13.04 -1.29
N PHE B 461 3.14 12.38 -0.87
CA PHE B 461 3.63 11.19 -1.54
C PHE B 461 2.54 10.13 -1.67
N ASP B 462 1.82 9.84 -0.59
CA ASP B 462 0.79 8.79 -0.64
C ASP B 462 -0.45 9.30 -1.37
N TRP B 463 -0.76 10.59 -1.27
CA TRP B 463 -1.89 11.14 -2.05
C TRP B 463 -1.66 10.98 -3.54
N TRP B 464 -0.49 11.37 -4.02
CA TRP B 464 -0.22 11.29 -5.45
C TRP B 464 0.00 9.85 -5.90
N TYR B 465 0.51 8.96 -5.04
CA TYR B 465 0.55 7.56 -5.38
C TYR B 465 -0.86 7.09 -5.74
N LEU B 466 -1.81 7.39 -4.87
CA LEU B 466 -3.20 6.94 -5.08
C LEU B 466 -3.83 7.63 -6.29
N ARG B 467 -3.61 8.94 -6.42
CA ARG B 467 -4.15 9.66 -7.58
C ARG B 467 -3.66 9.05 -8.88
N THR B 468 -2.37 8.76 -8.95
CA THR B 468 -1.84 8.13 -10.15
C THR B 468 -2.33 6.68 -10.30
N LYS B 469 -2.32 5.92 -9.20
CA LYS B 469 -2.71 4.54 -9.26
C LYS B 469 -4.14 4.39 -9.82
N TYR B 470 -5.05 5.19 -9.30
CA TYR B 470 -6.48 5.03 -9.60
C TYR B 470 -6.96 5.93 -10.73
N GLN B 471 -6.66 7.24 -10.70
CA GLN B 471 -7.14 8.12 -11.73
C GLN B 471 -6.23 8.22 -12.94
N GLY B 472 -4.97 7.83 -12.80
CA GLY B 472 -4.09 7.97 -13.94
C GLY B 472 -3.84 9.41 -14.32
N ILE B 473 -3.65 10.28 -13.32
CA ILE B 473 -3.33 11.69 -13.51
C ILE B 473 -2.00 11.94 -12.80
N CYS B 474 -1.39 13.06 -13.12
CA CYS B 474 -0.14 13.48 -12.51
C CYS B 474 -0.24 14.97 -12.23
N PRO B 475 0.48 15.48 -11.25
CA PRO B 475 0.46 16.91 -11.00
C PRO B 475 1.18 17.63 -12.11
N PRO B 476 0.67 18.78 -12.57
CA PRO B 476 1.28 19.49 -13.70
C PRO B 476 2.44 20.36 -13.28
N VAL B 477 2.71 20.48 -11.97
CA VAL B 477 3.93 21.10 -11.46
C VAL B 477 4.47 20.14 -10.40
N THR B 478 5.77 20.21 -10.19
CA THR B 478 6.36 19.36 -9.17
C THR B 478 5.76 19.67 -7.81
N ARG B 479 5.55 18.63 -7.02
CA ARG B 479 5.04 18.75 -5.65
C ARG B 479 6.08 18.13 -4.72
N ASN B 480 6.10 18.62 -3.49
CA ASN B 480 6.88 17.98 -2.42
C ASN B 480 6.02 17.97 -1.16
N GLU B 481 6.64 17.54 -0.04
CA GLU B 481 5.83 17.39 1.19
C GLU B 481 5.52 18.69 1.89
N THR B 482 6.00 19.83 1.39
CA THR B 482 5.48 21.10 1.86
C THR B 482 4.05 21.31 1.37
N HIS B 483 3.75 20.76 0.22
CA HIS B 483 2.41 20.82 -0.32
C HIS B 483 1.55 19.77 0.35
N PHE B 484 0.25 20.06 0.44
CA PHE B 484 -0.72 19.21 1.09
C PHE B 484 -1.95 19.20 0.20
N ASP B 485 -1.84 18.47 -0.92
CA ASP B 485 -2.81 18.62 -2.00
C ASP B 485 -4.14 17.97 -1.64
N ALA B 486 -4.12 16.96 -0.77
CA ALA B 486 -5.38 16.42 -0.21
C ALA B 486 -6.16 17.50 0.52
N GLY B 487 -5.46 18.43 1.17
CA GLY B 487 -6.14 19.48 1.91
C GLY B 487 -6.91 20.45 1.04
N ALA B 488 -6.60 20.49 -0.24
CA ALA B 488 -7.23 21.37 -1.20
C ALA B 488 -8.57 20.81 -1.73
N LYS B 489 -9.03 19.71 -1.16
CA LYS B 489 -10.36 19.15 -1.43
C LYS B 489 -11.22 19.37 -0.19
N PHE B 490 -12.39 19.99 -0.38
CA PHE B 490 -13.26 20.39 0.72
C PHE B 490 -13.36 19.38 1.85
N HIS B 491 -13.64 18.11 1.53
CA HIS B 491 -13.98 17.13 2.53
C HIS B 491 -12.86 16.83 3.52
N VAL B 492 -11.61 17.10 3.16
CA VAL B 492 -10.49 16.75 4.04
C VAL B 492 -10.48 17.73 5.21
N PRO B 493 -10.34 19.05 4.98
CA PRO B 493 -10.40 19.98 6.11
C PRO B 493 -11.77 19.99 6.80
N ASN B 494 -12.85 19.68 6.07
CA ASN B 494 -14.15 19.65 6.71
C ASN B 494 -14.50 18.32 7.36
N VAL B 495 -13.57 17.38 7.36
CA VAL B 495 -13.73 16.09 8.02
C VAL B 495 -15.05 15.45 7.64
N THR B 496 -15.34 15.41 6.34
CA THR B 496 -16.52 14.72 5.80
C THR B 496 -16.04 13.44 5.14
N PRO B 497 -16.50 12.26 5.56
CA PRO B 497 -16.05 11.03 4.90
C PRO B 497 -16.44 11.04 3.43
N TYR B 498 -15.66 10.28 2.64
CA TYR B 498 -15.82 10.27 1.19
C TYR B 498 -16.27 8.94 0.59
N ILE B 499 -16.07 7.82 1.27
CA ILE B 499 -16.36 6.53 0.65
C ILE B 499 -17.86 6.41 0.35
N ARG B 500 -18.69 7.12 1.12
CA ARG B 500 -20.12 7.23 0.81
C ARG B 500 -20.40 7.58 -0.64
N TYR B 501 -19.48 8.31 -1.31
CA TYR B 501 -19.75 8.74 -2.67
C TYR B 501 -19.45 7.64 -3.67
N PHE B 502 -18.41 6.82 -3.41
CA PHE B 502 -18.20 5.63 -4.23
C PHE B 502 -19.39 4.68 -4.05
N VAL B 503 -19.86 4.51 -2.83
CA VAL B 503 -21.00 3.64 -2.58
C VAL B 503 -22.21 4.16 -3.34
N SER B 504 -22.43 5.48 -3.30
N SER B 504 -22.42 5.49 -3.33
CA SER B 504 -23.62 6.07 -3.93
CA SER B 504 -23.64 6.04 -3.93
C SER B 504 -23.58 5.93 -5.44
C SER B 504 -23.59 6.03 -5.45
N PHE B 505 -22.39 6.04 -6.05
CA PHE B 505 -22.33 6.04 -7.52
C PHE B 505 -22.64 4.65 -8.04
N VAL B 506 -22.39 3.62 -7.22
CA VAL B 506 -22.87 2.28 -7.56
C VAL B 506 -24.35 2.12 -7.22
N LEU B 507 -24.72 2.55 -6.02
CA LEU B 507 -26.07 2.37 -5.50
C LEU B 507 -27.09 3.08 -6.37
N GLN B 508 -26.75 4.27 -6.86
CA GLN B 508 -27.76 5.04 -7.60
C GLN B 508 -28.25 4.30 -8.84
N PHE B 509 -27.39 3.52 -9.47
CA PHE B 509 -27.83 2.73 -10.62
C PHE B 509 -28.65 1.53 -10.20
N GLN B 510 -28.39 0.95 -9.02
CA GLN B 510 -29.26 -0.08 -8.49
C GLN B 510 -30.64 0.51 -8.19
N PHE B 511 -30.67 1.70 -7.60
CA PHE B 511 -31.94 2.38 -7.34
C PHE B 511 -32.67 2.69 -8.65
N HIS B 512 -31.94 3.20 -9.62
CA HIS B 512 -32.51 3.58 -10.90
C HIS B 512 -33.19 2.39 -11.57
N GLU B 513 -32.46 1.27 -11.63
CA GLU B 513 -33.07 0.07 -12.22
C GLU B 513 -34.33 -0.36 -11.48
N ALA B 514 -34.30 -0.36 -10.15
CA ALA B 514 -35.47 -0.77 -9.39
C ALA B 514 -36.64 0.17 -9.61
N LEU B 515 -36.40 1.48 -9.57
CA LEU B 515 -37.48 2.44 -9.73
C LEU B 515 -38.03 2.44 -11.15
N CYS B 516 -37.17 2.21 -12.13
CA CYS B 516 -37.63 2.12 -13.52
C CYS B 516 -38.48 0.88 -13.73
N LYS B 517 -38.13 -0.22 -13.06
CA LYS B 517 -38.99 -1.41 -13.10
C LYS B 517 -40.32 -1.16 -12.41
N GLU B 518 -40.31 -0.48 -11.26
CA GLU B 518 -41.56 -0.17 -10.58
C GLU B 518 -42.42 0.80 -11.38
N ALA B 519 -41.81 1.60 -12.26
CA ALA B 519 -42.55 2.54 -13.10
C ALA B 519 -43.15 1.88 -14.32
N GLY B 520 -42.92 0.60 -14.54
CA GLY B 520 -43.38 -0.07 -15.73
C GLY B 520 -42.60 0.23 -16.98
N TYR B 521 -41.48 0.95 -16.86
CA TYR B 521 -40.68 1.26 -18.04
C TYR B 521 -40.09 0.00 -18.62
N GLU B 522 -39.99 -0.04 -19.95
CA GLU B 522 -39.60 -1.27 -20.64
C GLU B 522 -38.43 -1.10 -21.61
N GLY B 523 -38.01 0.12 -21.90
CA GLY B 523 -36.93 0.34 -22.84
C GLY B 523 -35.57 0.28 -22.21
N PRO B 524 -34.55 0.75 -22.93
CA PRO B 524 -33.19 0.74 -22.38
C PRO B 524 -33.12 1.49 -21.06
N LEU B 525 -32.31 0.96 -20.14
CA LEU B 525 -32.23 1.54 -18.80
C LEU B 525 -31.82 3.00 -18.87
N HIS B 526 -30.92 3.34 -19.77
CA HIS B 526 -30.37 4.70 -19.82
C HIS B 526 -31.30 5.69 -20.50
N GLN B 527 -32.49 5.27 -20.94
CA GLN B 527 -33.50 6.16 -21.49
C GLN B 527 -34.72 6.23 -20.58
N CYS B 528 -34.65 5.63 -19.39
CA CYS B 528 -35.77 5.66 -18.46
C CYS B 528 -35.90 7.02 -17.80
N ASP B 529 -37.14 7.45 -17.62
CA ASP B 529 -37.49 8.69 -16.93
C ASP B 529 -38.64 8.35 -16.00
N ILE B 530 -38.40 8.39 -14.67
CA ILE B 530 -39.43 8.01 -13.70
C ILE B 530 -40.35 9.18 -13.35
N TYR B 531 -40.16 10.34 -13.97
CA TYR B 531 -41.04 11.47 -13.80
C TYR B 531 -42.49 11.02 -13.79
N ARG B 532 -43.23 11.49 -12.78
CA ARG B 532 -44.67 11.29 -12.61
C ARG B 532 -45.05 9.84 -12.35
N SER B 533 -44.07 9.00 -11.96
CA SER B 533 -44.38 7.63 -11.53
C SER B 533 -44.66 7.63 -10.04
N THR B 534 -45.95 7.62 -9.68
CA THR B 534 -46.32 7.50 -8.28
C THR B 534 -45.93 6.14 -7.69
N LYS B 535 -45.92 5.08 -8.50
CA LYS B 535 -45.44 3.78 -8.03
C LYS B 535 -43.96 3.84 -7.66
N ALA B 536 -43.12 4.36 -8.56
CA ALA B 536 -41.72 4.52 -8.22
C ALA B 536 -41.56 5.42 -7.00
N GLY B 537 -42.36 6.48 -6.91
CA GLY B 537 -42.29 7.35 -5.76
C GLY B 537 -42.59 6.64 -4.45
N ALA B 538 -43.61 5.78 -4.47
CA ALA B 538 -43.96 5.03 -3.26
C ALA B 538 -42.80 4.12 -2.83
N LYS B 539 -42.15 3.47 -3.79
CA LYS B 539 -41.01 2.61 -3.46
C LYS B 539 -39.87 3.41 -2.85
N LEU B 540 -39.59 4.61 -3.39
CA LEU B 540 -38.54 5.44 -2.82
C LEU B 540 -38.94 5.97 -1.45
N ARG B 541 -40.21 6.34 -1.27
CA ARG B 541 -40.64 6.88 0.01
C ARG B 541 -40.40 5.89 1.14
N LYS B 542 -40.62 4.59 0.90
CA LYS B 542 -40.41 3.60 1.94
C LYS B 542 -38.96 3.60 2.42
N VAL B 543 -38.01 3.76 1.50
CA VAL B 543 -36.61 3.88 1.89
C VAL B 543 -36.42 5.09 2.78
N LEU B 544 -36.90 6.25 2.31
CA LEU B 544 -36.59 7.51 2.97
C LEU B 544 -37.20 7.56 4.37
N ARG B 545 -38.40 6.99 4.53
CA ARG B 545 -39.04 6.99 5.83
C ARG B 545 -38.39 6.04 6.82
N ALA B 546 -37.65 5.03 6.34
CA ALA B 546 -37.04 4.05 7.23
C ALA B 546 -35.83 4.60 7.94
N GLY B 547 -35.21 5.66 7.42
CA GLY B 547 -34.02 6.20 8.06
C GLY B 547 -33.00 5.12 8.26
N SER B 548 -32.43 5.07 9.47
CA SER B 548 -31.49 4.03 9.86
C SER B 548 -32.09 3.13 10.93
N SER B 549 -33.37 2.74 10.74
CA SER B 549 -34.03 1.84 11.68
C SER B 549 -33.73 0.38 11.36
N ARG B 550 -33.73 0.01 10.05
CA ARG B 550 -33.41 -1.33 9.61
C ARG B 550 -31.99 -1.37 9.06
N PRO B 551 -31.29 -2.49 9.18
CA PRO B 551 -30.00 -2.63 8.52
C PRO B 551 -30.12 -2.23 7.05
N TRP B 552 -29.11 -1.49 6.55
CA TRP B 552 -29.20 -1.06 5.16
C TRP B 552 -29.31 -2.25 4.22
N GLN B 553 -28.71 -3.39 4.60
CA GLN B 553 -28.81 -4.59 3.77
C GLN B 553 -30.25 -5.03 3.63
N GLU B 554 -31.06 -4.87 4.70
CA GLU B 554 -32.47 -5.24 4.62
C GLU B 554 -33.24 -4.21 3.80
N VAL B 555 -32.99 -2.93 4.04
CA VAL B 555 -33.68 -1.89 3.28
C VAL B 555 -33.40 -2.05 1.80
N LEU B 556 -32.17 -2.45 1.45
CA LEU B 556 -31.77 -2.54 0.05
C LEU B 556 -32.52 -3.68 -0.66
N LYS B 557 -32.54 -4.87 -0.06
CA LYS B 557 -33.19 -6.00 -0.70
C LYS B 557 -34.69 -5.76 -0.89
N ASP B 558 -35.32 -5.03 0.02
CA ASP B 558 -36.71 -4.67 -0.17
C ASP B 558 -36.89 -3.79 -1.42
N MET B 559 -35.90 -2.96 -1.73
CA MET B 559 -36.03 -2.02 -2.83
C MET B 559 -35.64 -2.64 -4.18
N VAL B 560 -34.50 -3.34 -4.25
CA VAL B 560 -33.93 -3.76 -5.52
C VAL B 560 -33.88 -5.27 -5.68
N GLY B 561 -34.24 -6.03 -4.65
CA GLY B 561 -34.18 -7.48 -4.73
C GLY B 561 -32.85 -8.11 -4.35
N LEU B 562 -31.92 -7.33 -3.80
CA LEU B 562 -30.60 -7.83 -3.45
C LEU B 562 -30.17 -7.15 -2.17
N ASP B 563 -29.38 -7.86 -1.36
CA ASP B 563 -28.95 -7.36 -0.06
C ASP B 563 -27.50 -6.86 -0.07
N ALA B 564 -26.95 -6.56 -1.24
CA ALA B 564 -25.57 -6.10 -1.32
C ALA B 564 -25.41 -5.13 -2.48
N LEU B 565 -24.35 -4.34 -2.40
CA LEU B 565 -23.97 -3.48 -3.52
C LEU B 565 -23.62 -4.34 -4.73
N ASP B 566 -23.94 -3.83 -5.91
CA ASP B 566 -23.85 -4.59 -7.15
C ASP B 566 -23.56 -3.64 -8.29
N ALA B 567 -22.51 -3.94 -9.06
CA ALA B 567 -22.13 -3.07 -10.17
C ALA B 567 -22.89 -3.36 -11.44
N GLN B 568 -23.65 -4.46 -11.50
CA GLN B 568 -24.24 -4.86 -12.77
C GLN B 568 -25.21 -3.81 -13.29
N PRO B 569 -26.04 -3.17 -12.49
CA PRO B 569 -26.91 -2.12 -13.04
C PRO B 569 -26.12 -0.97 -13.66
N LEU B 570 -25.01 -0.58 -13.06
CA LEU B 570 -24.19 0.46 -13.68
C LEU B 570 -23.63 -0.02 -14.99
N LEU B 571 -23.13 -1.27 -15.03
CA LEU B 571 -22.58 -1.80 -16.27
C LEU B 571 -23.65 -1.90 -17.34
N LYS B 572 -24.88 -2.26 -16.94
CA LYS B 572 -25.98 -2.38 -17.88
C LYS B 572 -26.39 -1.02 -18.42
N TYR B 573 -26.39 0.00 -17.57
CA TYR B 573 -26.73 1.34 -18.05
C TYR B 573 -25.77 1.79 -19.13
N PHE B 574 -24.47 1.56 -18.94
CA PHE B 574 -23.45 2.08 -19.83
C PHE B 574 -23.03 1.12 -20.94
N GLN B 575 -23.63 -0.07 -21.02
CA GLN B 575 -23.10 -1.14 -21.86
C GLN B 575 -22.80 -0.68 -23.28
N LEU B 576 -23.70 0.11 -23.88
CA LEU B 576 -23.51 0.52 -25.27
C LEU B 576 -22.23 1.34 -25.46
N VAL B 577 -21.97 2.29 -24.57
CA VAL B 577 -20.79 3.12 -24.73
C VAL B 577 -19.53 2.43 -24.22
N THR B 578 -19.67 1.47 -23.30
CA THR B 578 -18.53 0.64 -22.92
C THR B 578 -17.99 -0.12 -24.13
N GLN B 579 -18.89 -0.52 -25.04
CA GLN B 579 -18.45 -1.18 -26.27
C GLN B 579 -17.86 -0.17 -27.26
N TRP B 580 -18.55 0.95 -27.47
CA TRP B 580 -18.07 1.91 -28.46
C TRP B 580 -16.68 2.43 -28.08
N LEU B 581 -16.48 2.77 -26.79
CA LEU B 581 -15.20 3.30 -26.38
C LEU B 581 -14.09 2.28 -26.61
N GLN B 582 -14.35 1.02 -26.28
CA GLN B 582 -13.34 0.00 -26.50
C GLN B 582 -12.93 -0.07 -27.97
N GLU B 583 -13.91 -0.04 -28.88
CA GLU B 583 -13.61 -0.10 -30.29
C GLU B 583 -12.81 1.10 -30.75
N GLN B 584 -13.22 2.30 -30.32
CA GLN B 584 -12.50 3.50 -30.73
C GLN B 584 -11.04 3.44 -30.29
N ASN B 585 -10.77 2.94 -29.08
CA ASN B 585 -9.40 2.87 -28.60
C ASN B 585 -8.59 1.88 -29.40
N GLN B 586 -9.20 0.76 -29.80
CA GLN B 586 -8.44 -0.21 -30.61
C GLN B 586 -8.07 0.39 -31.96
N GLN B 587 -8.99 1.14 -32.57
CA GLN B 587 -8.72 1.74 -33.88
C GLN B 587 -7.58 2.72 -33.82
N ASN B 588 -7.56 3.57 -32.78
CA ASN B 588 -6.44 4.50 -32.59
C ASN B 588 -5.22 3.83 -31.97
N GLY B 589 -5.25 2.51 -31.79
CA GLY B 589 -4.13 1.80 -31.20
C GLY B 589 -3.74 2.32 -29.83
N GLU B 590 -4.72 2.61 -28.98
CA GLU B 590 -4.43 3.19 -27.69
C GLU B 590 -3.77 2.18 -26.77
N VAL B 591 -2.93 2.69 -25.89
CA VAL B 591 -2.42 1.92 -24.75
C VAL B 591 -3.36 2.19 -23.57
N LEU B 592 -4.04 1.15 -23.10
CA LEU B 592 -4.89 1.30 -21.92
C LEU B 592 -4.03 1.35 -20.68
N GLY B 593 -4.23 2.36 -19.89
CA GLY B 593 -3.40 2.59 -18.71
C GLY B 593 -2.33 3.62 -18.99
N TRP B 594 -1.39 3.71 -18.05
CA TRP B 594 -0.35 4.74 -18.07
C TRP B 594 0.97 4.13 -17.63
N PRO B 595 1.54 3.25 -18.44
CA PRO B 595 2.77 2.56 -18.06
C PRO B 595 3.96 3.48 -17.83
N GLU B 596 3.98 4.67 -18.46
CA GLU B 596 5.02 5.66 -18.19
C GLU B 596 4.60 6.46 -16.96
N TYR B 597 4.64 5.77 -15.79
CA TYR B 597 4.01 6.27 -14.59
C TYR B 597 4.80 7.41 -13.96
N GLN B 598 6.06 7.58 -14.35
CA GLN B 598 6.92 8.63 -13.83
C GLN B 598 6.75 9.95 -14.55
N TRP B 599 5.99 9.98 -15.65
CA TRP B 599 5.95 11.13 -16.51
C TRP B 599 5.14 12.28 -15.91
N HIS B 600 5.70 13.48 -16.04
CA HIS B 600 5.04 14.75 -15.75
C HIS B 600 5.24 15.68 -16.94
N PRO B 601 4.27 16.55 -17.20
CA PRO B 601 4.41 17.48 -18.29
C PRO B 601 5.45 18.54 -17.95
N PRO B 602 6.04 19.17 -18.97
CA PRO B 602 6.95 20.28 -18.72
C PRO B 602 6.17 21.55 -18.38
N LEU B 603 6.90 22.55 -17.91
CA LEU B 603 6.27 23.83 -17.63
C LEU B 603 6.10 24.63 -18.91
N PRO B 604 5.01 25.38 -19.04
CA PRO B 604 4.88 26.28 -20.19
C PRO B 604 6.04 27.26 -20.24
N ASP B 605 6.38 27.67 -21.46
CA ASP B 605 7.53 28.55 -21.65
C ASP B 605 7.33 29.85 -20.88
N ASN B 606 8.32 30.20 -20.05
CA ASN B 606 8.31 31.46 -19.32
C ASN B 606 7.02 31.61 -18.50
N TYR B 607 6.80 30.64 -17.61
CA TYR B 607 5.68 30.56 -16.69
C TYR B 607 6.12 30.95 -15.29
N PRO B 608 5.32 31.72 -14.52
CA PRO B 608 3.97 32.22 -14.80
C PRO B 608 3.93 33.64 -15.36
N GLU B 609 5.07 34.17 -15.81
CA GLU B 609 5.14 35.56 -16.21
C GLU B 609 4.32 35.87 -17.46
N GLY B 610 3.97 34.86 -18.25
CA GLY B 610 3.17 35.06 -19.44
C GLY B 610 1.88 35.82 -19.21
#